data_2JHE
#
_entry.id   2JHE
#
_cell.length_a   134.456
_cell.length_b   72.009
_cell.length_c   96.814
_cell.angle_alpha   90.00
_cell.angle_beta   98.46
_cell.angle_gamma   90.00
#
_symmetry.space_group_name_H-M   'C 1 2 1'
#
loop_
_entity.id
_entity.type
_entity.pdbx_description
1 polymer 'TRANSCRIPTION REGULATOR TYRR'
2 non-polymer 2-(2-ETHOXYETHOXY)ETHANOL
3 non-polymer 'TETRAETHYLENE GLYCOL'
4 non-polymer 'SULFATE ION'
5 water water
#
_entity_poly.entity_id   1
_entity_poly.type   'polypeptide(L)'
_entity_poly.pdbx_seq_one_letter_code
;MRLEVFCEDRLGLTRELLDLLVLRGIDLRGIEIDPIGRIYLNFAELEFESFSSLMAEIRRIAGVTDVRTVPWMPSEREHL
ALSALLEALPEPVLSVDMKSKVDMANPASCQLFGQKLDRLRNHTAAQLINGFNFLRWLESEPQDSHNEHVVINGQNFLME
ITPVYLQDENDQHVLTGAVVMLRSTIRMGR
;
_entity_poly.pdbx_strand_id   A,B,C,D
#
# COMPACT_ATOMS: atom_id res chain seq x y z
N MET A 1 7.04 2.12 19.13
CA MET A 1 5.63 2.39 19.56
C MET A 1 5.66 3.24 20.79
N ARG A 2 4.79 4.25 20.86
CA ARG A 2 4.74 5.14 22.02
C ARG A 2 3.35 5.15 22.63
N LEU A 3 3.28 4.88 23.93
CA LEU A 3 2.03 4.97 24.67
C LEU A 3 2.03 6.19 25.55
N GLU A 4 0.84 6.76 25.74
CA GLU A 4 0.63 7.74 26.75
C GLU A 4 -0.42 7.21 27.73
N VAL A 5 -0.05 7.18 29.01
CA VAL A 5 -0.91 6.65 30.09
C VAL A 5 -1.27 7.82 30.97
N PHE A 6 -2.57 8.02 31.19
CA PHE A 6 -3.08 9.09 32.03
C PHE A 6 -3.42 8.44 33.34
N CYS A 7 -3.15 9.13 34.43
CA CYS A 7 -3.26 8.46 35.69
C CYS A 7 -3.42 9.48 36.77
N GLU A 8 -3.99 9.05 37.88
CA GLU A 8 -3.95 9.93 39.01
C GLU A 8 -2.61 9.79 39.71
N ASP A 9 -2.45 10.61 40.73
CA ASP A 9 -1.25 10.75 41.52
C ASP A 9 -1.15 9.61 42.55
N ARG A 10 -0.69 8.44 42.11
CA ARG A 10 -0.61 7.32 43.06
C ARG A 10 0.75 6.60 43.21
N LEU A 11 1.08 6.31 44.48
CA LEU A 11 2.28 5.58 44.83
C LEU A 11 2.36 4.23 44.16
N GLY A 12 3.47 3.98 43.47
CA GLY A 12 3.75 2.64 42.91
C GLY A 12 3.22 2.39 41.50
N LEU A 13 2.65 3.40 40.87
CA LEU A 13 1.97 3.19 39.59
C LEU A 13 2.98 2.93 38.44
N THR A 14 4.07 3.67 38.49
CA THR A 14 5.10 3.58 37.48
C THR A 14 5.81 2.22 37.49
N ARG A 15 6.09 1.70 38.69
CA ARG A 15 6.62 0.36 38.94
C ARG A 15 5.69 -0.77 38.43
N GLU A 16 4.40 -0.63 38.72
CA GLU A 16 3.45 -1.63 38.42
C GLU A 16 3.35 -1.71 36.89
N LEU A 17 3.51 -0.56 36.20
CA LEU A 17 3.58 -0.49 34.71
C LEU A 17 4.82 -1.15 34.15
N LEU A 18 6.00 -0.84 34.71
CA LEU A 18 7.20 -1.53 34.27
C LEU A 18 7.14 -3.01 34.57
N ASP A 19 6.62 -3.41 35.73
CA ASP A 19 6.44 -4.86 35.99
C ASP A 19 5.61 -5.50 34.87
N LEU A 20 4.54 -4.81 34.49
CA LEU A 20 3.62 -5.32 33.50
C LEU A 20 4.29 -5.51 32.13
N LEU A 21 5.07 -4.52 31.66
CA LEU A 21 5.91 -4.68 30.49
C LEU A 21 6.86 -5.85 30.60
N VAL A 22 7.51 -5.98 31.75
CA VAL A 22 8.34 -7.18 31.96
C VAL A 22 7.54 -8.48 31.89
N LEU A 23 6.37 -8.55 32.53
CA LEU A 23 5.63 -9.81 32.54
C LEU A 23 5.33 -10.23 31.09
N ARG A 24 5.10 -9.23 30.25
CA ARG A 24 4.58 -9.41 28.90
C ARG A 24 5.62 -9.56 27.78
N GLY A 25 6.90 -9.69 28.12
CA GLY A 25 7.96 -9.92 27.13
C GLY A 25 8.40 -8.65 26.41
N ILE A 26 8.00 -7.50 26.92
CA ILE A 26 8.23 -6.22 26.24
C ILE A 26 9.45 -5.55 26.85
N ASP A 27 10.44 -5.20 26.04
CA ASP A 27 11.67 -4.59 26.50
C ASP A 27 11.53 -3.03 26.36
N LEU A 28 11.62 -2.34 27.48
CA LEU A 28 11.41 -0.89 27.58
C LEU A 28 12.59 -0.09 27.05
N ARG A 29 12.32 0.93 26.25
CA ARG A 29 13.40 1.73 25.72
C ARG A 29 13.46 3.06 26.43
N GLY A 30 12.32 3.47 26.98
CA GLY A 30 12.18 4.75 27.61
C GLY A 30 10.88 4.89 28.35
N ILE A 31 10.93 5.61 29.46
CA ILE A 31 9.73 6.02 30.15
C ILE A 31 9.94 7.48 30.51
N GLU A 32 8.95 8.31 30.20
CA GLU A 32 8.94 9.75 30.59
C GLU A 32 7.68 10.07 31.37
N ILE A 33 7.79 11.05 32.24
CA ILE A 33 6.74 11.42 33.18
C ILE A 33 6.49 12.92 33.14
N ASP A 34 5.22 13.25 33.03
CA ASP A 34 4.67 14.58 33.20
C ASP A 34 3.97 14.61 34.58
N PRO A 35 4.53 15.37 35.54
CA PRO A 35 3.95 15.70 36.86
C PRO A 35 2.44 16.00 36.88
N ILE A 36 1.90 16.45 35.74
CA ILE A 36 0.46 16.74 35.60
C ILE A 36 -0.37 15.46 35.70
N GLY A 37 0.18 14.34 35.26
CA GLY A 37 -0.54 13.07 35.36
C GLY A 37 -0.40 12.24 34.09
N ARG A 38 0.80 12.23 33.49
CA ARG A 38 0.99 11.46 32.24
C ARG A 38 2.31 10.75 32.19
N ILE A 39 2.23 9.49 31.78
CA ILE A 39 3.40 8.64 31.67
C ILE A 39 3.52 8.17 30.17
N TYR A 40 4.68 8.43 29.54
CA TYR A 40 4.93 7.95 28.18
C TYR A 40 5.84 6.76 28.21
N LEU A 41 5.54 5.78 27.36
CA LEU A 41 6.27 4.50 27.33
C LEU A 41 6.75 4.20 25.94
N ASN A 42 8.04 3.90 25.83
CA ASN A 42 8.68 3.59 24.56
C ASN A 42 9.19 2.14 24.54
N PHE A 43 8.71 1.34 23.59
CA PHE A 43 9.16 -0.04 23.41
C PHE A 43 8.82 -0.42 21.98
N ALA A 44 9.39 -1.54 21.53
CA ALA A 44 9.27 -2.01 20.13
C ALA A 44 7.85 -2.39 19.73
N GLU A 45 7.57 -2.31 18.42
CA GLU A 45 6.27 -2.66 17.85
C GLU A 45 5.77 -3.96 18.41
N LEU A 46 4.60 -3.91 19.03
CA LEU A 46 3.86 -5.13 19.31
C LEU A 46 3.10 -5.56 18.03
N GLU A 47 2.88 -6.87 17.85
CA GLU A 47 1.85 -7.35 16.95
C GLU A 47 0.48 -6.79 17.41
N PHE A 48 -0.50 -6.73 16.51
CA PHE A 48 -1.79 -6.10 16.85
C PHE A 48 -2.48 -6.67 18.11
N GLU A 49 -2.44 -7.99 18.25
CA GLU A 49 -3.13 -8.74 19.30
C GLU A 49 -2.56 -8.48 20.69
N SER A 50 -1.26 -8.69 20.86
CA SER A 50 -0.61 -8.37 22.12
C SER A 50 -0.84 -6.89 22.44
N PHE A 51 -1.00 -6.07 21.40
CA PHE A 51 -1.15 -4.59 21.57
C PHE A 51 -2.45 -4.24 22.31
N SER A 52 -3.54 -4.79 21.82
CA SER A 52 -4.88 -4.45 22.28
C SER A 52 -5.25 -4.95 23.71
N SER A 53 -4.73 -6.11 24.09
CA SER A 53 -5.03 -6.66 25.40
C SER A 53 -4.16 -5.96 26.45
N LEU A 54 -3.01 -5.49 26.01
CA LEU A 54 -2.11 -4.69 26.83
C LEU A 54 -2.69 -3.35 27.23
N MET A 55 -3.21 -2.60 26.27
CA MET A 55 -3.99 -1.40 26.48
C MET A 55 -5.07 -1.64 27.53
N ALA A 56 -5.89 -2.68 27.29
CA ALA A 56 -6.92 -3.08 28.25
C ALA A 56 -6.35 -3.37 29.62
N GLU A 57 -5.16 -3.97 29.65
CA GLU A 57 -4.55 -4.46 30.87
C GLU A 57 -4.01 -3.28 31.73
N ILE A 58 -3.33 -2.35 31.06
CA ILE A 58 -2.91 -1.05 31.59
C ILE A 58 -4.11 -0.25 32.16
N ARG A 59 -5.23 -0.24 31.46
CA ARG A 59 -6.45 0.42 31.96
C ARG A 59 -6.99 -0.16 33.27
N ARG A 60 -6.67 -1.43 33.58
CA ARG A 60 -7.09 -2.09 34.83
C ARG A 60 -6.23 -1.71 36.03
N ILE A 61 -5.01 -1.25 35.79
CA ILE A 61 -4.16 -0.84 36.85
C ILE A 61 -4.84 0.25 37.68
N ALA A 62 -4.77 0.11 39.01
CA ALA A 62 -5.32 1.09 39.97
C ALA A 62 -4.68 2.43 39.75
N GLY A 63 -5.47 3.48 39.52
CA GLY A 63 -4.91 4.81 39.25
C GLY A 63 -4.80 5.30 37.80
N VAL A 64 -4.91 4.37 36.84
CA VAL A 64 -4.87 4.69 35.43
C VAL A 64 -6.25 5.11 34.97
N THR A 65 -6.34 6.26 34.31
CA THR A 65 -7.63 6.77 33.88
C THR A 65 -7.87 6.55 32.39
N ASP A 66 -6.80 6.25 31.65
CA ASP A 66 -6.84 6.17 30.19
C ASP A 66 -5.45 5.86 29.66
N VAL A 67 -5.41 5.35 28.42
CA VAL A 67 -4.19 5.14 27.63
C VAL A 67 -4.49 5.46 26.19
N ARG A 68 -3.48 5.92 25.46
CA ARG A 68 -3.51 5.98 24.00
C ARG A 68 -2.10 5.80 23.42
N THR A 69 -2.05 5.44 22.14
CA THR A 69 -0.87 5.58 21.32
C THR A 69 -0.63 7.02 20.91
N VAL A 70 0.64 7.40 20.87
CA VAL A 70 1.01 8.75 20.62
C VAL A 70 2.17 8.65 19.56
N PRO A 71 2.38 9.69 18.71
CA PRO A 71 3.47 9.56 17.70
C PRO A 71 4.92 9.70 18.21
N TRP A 72 5.13 10.28 19.39
CA TRP A 72 6.48 10.43 19.91
C TRP A 72 6.48 10.53 21.43
N MET A 73 7.60 10.21 22.06
CA MET A 73 7.91 10.67 23.42
C MET A 73 8.17 12.19 23.45
N PRO A 74 7.86 12.84 24.60
CA PRO A 74 8.31 14.25 24.70
C PRO A 74 9.76 14.43 24.23
N SER A 75 10.67 13.52 24.62
CA SER A 75 12.11 13.61 24.21
C SER A 75 12.40 13.51 22.69
N GLU A 76 11.51 12.87 21.92
CA GLU A 76 11.75 12.55 20.50
C GLU A 76 11.26 13.64 19.57
N ARG A 77 10.37 14.48 20.06
CA ARG A 77 9.53 15.27 19.17
C ARG A 77 10.29 16.15 18.16
N GLU A 78 11.24 16.93 18.66
CA GLU A 78 11.98 17.89 17.89
C GLU A 78 13.00 17.24 16.98
N HIS A 79 13.76 16.25 17.47
CA HIS A 79 14.71 15.58 16.62
C HIS A 79 14.05 14.76 15.50
N LEU A 80 12.79 14.37 15.68
CA LEU A 80 12.02 13.69 14.64
C LEU A 80 11.50 14.68 13.58
N ALA A 81 11.28 15.93 13.99
CA ALA A 81 10.86 16.99 13.08
C ALA A 81 12.08 17.36 12.21
N LEU A 82 13.23 17.47 12.85
CA LEU A 82 14.46 17.66 12.10
C LEU A 82 14.72 16.54 11.11
N SER A 83 14.64 15.29 11.56
CA SER A 83 14.84 14.15 10.64
C SER A 83 13.88 14.12 9.45
N ALA A 84 12.60 14.33 9.74
CA ALA A 84 11.55 14.39 8.72
C ALA A 84 11.94 15.37 7.57
N LEU A 85 12.34 16.59 7.92
CA LEU A 85 12.64 17.60 6.92
C LEU A 85 13.88 17.31 6.10
N LEU A 86 14.92 16.79 6.74
CA LEU A 86 16.08 16.26 6.02
C LEU A 86 15.82 15.01 5.20
N GLU A 87 14.90 14.19 5.64
CA GLU A 87 14.55 13.01 4.86
C GLU A 87 13.68 13.43 3.67
N ALA A 88 12.97 14.55 3.80
CA ALA A 88 12.07 14.99 2.76
C ALA A 88 12.84 15.52 1.53
N LEU A 89 13.99 16.16 1.76
CA LEU A 89 14.88 16.63 0.69
C LEU A 89 14.89 15.67 -0.51
N PRO A 90 14.36 16.14 -1.66
CA PRO A 90 14.11 15.37 -2.87
C PRO A 90 15.37 14.81 -3.50
N GLU A 91 16.53 15.31 -3.11
CA GLU A 91 17.78 14.80 -3.64
C GLU A 91 18.74 14.33 -2.54
N PRO A 92 19.76 13.53 -2.93
CA PRO A 92 20.61 12.90 -1.96
C PRO A 92 21.25 13.85 -0.94
N VAL A 93 20.93 13.61 0.34
CA VAL A 93 21.69 14.15 1.46
C VAL A 93 22.28 12.94 2.20
N LEU A 94 23.43 13.18 2.84
CA LEU A 94 24.06 12.18 3.69
C LEU A 94 25.29 12.75 4.39
N SER A 95 25.50 12.33 5.63
CA SER A 95 26.59 12.82 6.48
C SER A 95 27.59 11.70 6.65
N VAL A 96 28.78 12.06 7.13
CA VAL A 96 29.86 11.11 7.34
C VAL A 96 30.59 11.55 8.60
N ASP A 97 31.20 10.61 9.33
CA ASP A 97 32.07 10.95 10.48
C ASP A 97 33.53 11.36 10.11
N MET A 98 34.42 11.35 11.10
CA MET A 98 35.81 11.74 10.89
C MET A 98 36.59 10.64 10.15
N LYS A 99 36.07 9.42 10.21
CA LYS A 99 36.58 8.31 9.42
C LYS A 99 35.82 8.22 8.08
N SER A 100 34.95 9.20 7.81
CA SER A 100 34.20 9.31 6.54
C SER A 100 33.17 8.20 6.35
N LYS A 101 32.91 7.45 7.42
CA LYS A 101 31.85 6.47 7.40
C LYS A 101 30.52 7.21 7.33
N VAL A 102 29.63 6.73 6.46
CA VAL A 102 28.27 7.25 6.33
C VAL A 102 27.50 7.13 7.68
N ASP A 103 26.89 8.23 8.11
CA ASP A 103 26.04 8.18 9.29
C ASP A 103 24.59 8.44 8.89
N MET A 104 24.20 9.70 8.87
CA MET A 104 22.91 10.08 8.37
C MET A 104 22.94 9.94 6.86
N ALA A 105 21.91 9.30 6.30
CA ALA A 105 21.64 9.31 4.86
C ALA A 105 20.12 9.27 4.61
N ASN A 106 19.63 10.22 3.78
CA ASN A 106 18.18 10.31 3.41
C ASN A 106 17.69 9.30 2.35
N PRO A 107 16.36 9.16 2.16
CA PRO A 107 15.83 8.20 1.15
C PRO A 107 16.44 8.28 -0.26
N ALA A 108 16.67 9.49 -0.79
CA ALA A 108 17.18 9.67 -2.15
C ALA A 108 18.62 9.22 -2.24
N SER A 109 19.36 9.43 -1.14
CA SER A 109 20.70 8.88 -1.00
C SER A 109 20.69 7.35 -1.07
N CYS A 110 19.67 6.73 -0.47
CA CYS A 110 19.45 5.27 -0.57
C CYS A 110 19.01 4.81 -1.96
N GLN A 111 18.07 5.52 -2.59
CA GLN A 111 17.48 5.03 -3.85
C GLN A 111 18.51 5.11 -5.01
N LEU A 112 19.23 6.24 -5.08
CA LEU A 112 20.32 6.42 -6.00
C LEU A 112 21.38 5.32 -5.95
N PHE A 113 21.88 5.02 -4.75
CA PHE A 113 22.84 3.91 -4.61
C PHE A 113 22.16 2.52 -4.69
N GLY A 114 20.84 2.49 -4.49
CA GLY A 114 20.03 1.28 -4.68
C GLY A 114 20.11 0.30 -3.51
N GLN A 115 19.99 0.85 -2.28
CA GLN A 115 20.30 0.14 -1.04
C GLN A 115 19.60 0.79 0.15
N LYS A 116 19.18 -0.02 1.12
CA LYS A 116 18.57 0.47 2.37
C LYS A 116 19.59 1.17 3.30
N LEU A 117 19.09 1.99 4.23
CA LEU A 117 19.97 2.81 5.08
C LEU A 117 21.10 2.02 5.71
N ASP A 118 20.74 0.88 6.32
CA ASP A 118 21.65 0.11 7.14
C ASP A 118 22.82 -0.55 6.39
N ARG A 119 22.65 -0.92 5.11
CA ARG A 119 23.82 -1.27 4.28
C ARG A 119 24.61 0.01 3.94
N LEU A 120 23.90 1.00 3.39
CA LEU A 120 24.54 2.27 3.02
C LEU A 120 25.42 2.84 4.15
N ARG A 121 24.93 2.80 5.38
CA ARG A 121 25.70 3.24 6.55
C ARG A 121 27.01 2.45 6.81
N ASN A 122 27.14 1.27 6.18
CA ASN A 122 28.32 0.42 6.35
C ASN A 122 29.51 0.92 5.51
N HIS A 123 29.26 1.93 4.66
CA HIS A 123 30.26 2.40 3.71
C HIS A 123 30.99 3.62 4.21
N THR A 124 32.30 3.68 3.94
CA THR A 124 32.93 5.00 3.89
C THR A 124 32.50 5.72 2.60
N ALA A 125 32.79 7.02 2.54
CA ALA A 125 32.26 7.90 1.49
C ALA A 125 32.89 7.69 0.10
N ALA A 126 34.20 7.44 0.07
CA ALA A 126 34.95 7.12 -1.15
C ALA A 126 34.58 5.76 -1.78
N GLN A 127 33.89 4.91 -1.01
CA GLN A 127 33.39 3.63 -1.53
C GLN A 127 32.08 3.86 -2.28
N LEU A 128 31.47 5.01 -2.08
CA LEU A 128 30.14 5.25 -2.61
C LEU A 128 30.18 6.22 -3.78
N ILE A 129 31.11 7.15 -3.68
CA ILE A 129 31.32 8.18 -4.70
C ILE A 129 32.78 8.12 -5.21
N ASN A 130 32.94 7.78 -6.49
CA ASN A 130 34.28 7.85 -7.09
C ASN A 130 34.64 9.31 -7.39
N GLY A 131 35.92 9.64 -7.27
CA GLY A 131 36.48 10.92 -7.72
C GLY A 131 36.97 11.95 -6.71
N PHE A 132 36.67 11.71 -5.42
CA PHE A 132 37.04 12.68 -4.36
C PHE A 132 37.76 12.03 -3.14
N ASN A 133 38.68 12.78 -2.52
CA ASN A 133 39.46 12.33 -1.35
C ASN A 133 38.94 12.83 0.02
N PHE A 134 37.85 12.19 0.48
CA PHE A 134 37.13 12.55 1.71
C PHE A 134 38.00 12.63 2.97
N LEU A 135 38.70 11.54 3.29
CA LEU A 135 39.57 11.45 4.45
C LEU A 135 40.69 12.52 4.48
N ARG A 136 41.27 12.82 3.32
CA ARG A 136 42.32 13.86 3.26
C ARG A 136 41.76 15.30 3.36
N TRP A 137 40.56 15.50 2.80
CA TRP A 137 39.75 16.72 3.05
C TRP A 137 39.40 16.88 4.54
N LEU A 138 38.77 15.85 5.14
CA LEU A 138 38.44 15.90 6.57
C LEU A 138 39.68 16.03 7.47
N GLU A 139 40.81 15.52 6.98
CA GLU A 139 42.11 15.72 7.65
C GLU A 139 42.53 17.17 7.52
N SER A 140 42.19 17.78 6.39
CA SER A 140 42.56 19.17 6.06
C SER A 140 42.08 20.22 7.07
N GLU A 141 41.31 19.78 8.07
CA GLU A 141 40.61 20.65 9.04
C GLU A 141 39.78 21.80 8.40
N PRO A 142 38.93 21.49 7.40
CA PRO A 142 38.28 22.47 6.50
C PRO A 142 37.48 23.66 7.12
N GLN A 143 37.67 24.84 6.52
CA GLN A 143 36.90 26.02 6.85
C GLN A 143 35.63 26.09 6.00
N ASP A 144 35.81 26.31 4.70
CA ASP A 144 34.70 26.47 3.75
C ASP A 144 34.02 25.14 3.31
N SER A 145 33.02 25.23 2.43
CA SER A 145 32.44 24.05 1.78
C SER A 145 33.22 23.68 0.52
N HIS A 146 33.04 22.47 0.02
CA HIS A 146 33.71 22.06 -1.21
C HIS A 146 32.69 21.61 -2.23
N ASN A 147 32.85 22.10 -3.45
CA ASN A 147 32.08 21.63 -4.58
C ASN A 147 32.92 20.84 -5.56
N GLU A 148 32.40 19.67 -5.89
CA GLU A 148 33.08 18.80 -6.83
C GLU A 148 31.98 18.31 -7.74
N HIS A 149 32.35 18.08 -8.99
CA HIS A 149 31.50 17.41 -9.96
C HIS A 149 31.81 15.93 -9.84
N VAL A 150 30.78 15.10 -9.79
CA VAL A 150 31.00 13.65 -9.80
C VAL A 150 30.05 12.92 -10.75
N VAL A 151 30.47 11.74 -11.17
CA VAL A 151 29.56 10.84 -11.85
C VAL A 151 29.30 9.60 -10.96
N ILE A 152 28.02 9.22 -10.87
CA ILE A 152 27.56 8.18 -9.98
C ILE A 152 26.52 7.38 -10.76
N ASN A 153 26.77 6.07 -10.92
CA ASN A 153 25.98 5.21 -11.82
C ASN A 153 25.80 5.84 -13.21
N GLY A 154 26.92 6.29 -13.77
CA GLY A 154 26.97 7.02 -15.04
C GLY A 154 26.18 8.31 -15.11
N GLN A 155 25.94 8.97 -13.96
CA GLN A 155 25.16 10.19 -13.89
C GLN A 155 25.97 11.36 -13.36
N ASN A 156 25.88 12.49 -14.08
CA ASN A 156 26.46 13.74 -13.64
C ASN A 156 25.68 14.38 -12.49
N PHE A 157 26.42 14.68 -11.42
CA PHE A 157 25.93 15.42 -10.27
C PHE A 157 26.93 16.48 -9.88
N LEU A 158 26.45 17.50 -9.18
CA LEU A 158 27.30 18.36 -8.38
C LEU A 158 27.13 17.95 -6.92
N MET A 159 28.26 17.71 -6.27
CA MET A 159 28.36 17.33 -4.87
C MET A 159 28.92 18.51 -4.09
N GLU A 160 28.25 18.89 -3.01
CA GLU A 160 28.77 19.94 -2.16
C GLU A 160 29.04 19.30 -0.79
N ILE A 161 30.19 19.61 -0.17
CA ILE A 161 30.59 19.02 1.13
C ILE A 161 30.97 20.05 2.21
N THR A 162 30.29 20.02 3.36
CA THR A 162 30.44 21.04 4.42
C THR A 162 30.77 20.46 5.80
N PRO A 163 31.81 21.01 6.46
CA PRO A 163 32.17 20.56 7.81
C PRO A 163 31.02 20.68 8.82
N VAL A 164 31.04 19.81 9.83
CA VAL A 164 30.01 19.78 10.87
C VAL A 164 30.64 19.84 12.27
N TYR A 165 30.30 20.88 13.03
CA TYR A 165 30.59 21.05 14.48
C TYR A 165 32.03 20.82 14.98
N LEU A 166 32.73 21.91 15.25
CA LEU A 166 34.18 21.82 15.41
C LEU A 166 34.62 21.05 14.16
N GLN A 167 35.11 19.82 14.37
CA GLN A 167 35.14 18.83 13.32
C GLN A 167 34.62 17.53 13.92
N ASP A 168 33.30 17.37 13.93
CA ASP A 168 32.67 16.08 14.22
C ASP A 168 32.44 15.30 12.92
N GLU A 169 32.79 15.94 11.79
CA GLU A 169 32.72 15.35 10.43
C GLU A 169 32.21 16.34 9.38
N ASN A 170 31.33 15.86 8.50
CA ASN A 170 30.77 16.64 7.39
C ASN A 170 29.46 16.08 6.86
N ASP A 171 28.68 16.95 6.22
CA ASP A 171 27.52 16.48 5.49
C ASP A 171 27.58 16.96 4.05
N GLN A 172 26.95 16.22 3.14
CA GLN A 172 26.99 16.64 1.75
C GLN A 172 25.74 16.33 0.92
N HIS A 173 25.44 17.26 0.00
CA HIS A 173 24.37 17.11 -1.01
C HIS A 173 24.88 16.85 -2.43
N VAL A 174 24.07 16.10 -3.17
CA VAL A 174 24.28 15.76 -4.54
C VAL A 174 23.07 16.32 -5.37
N LEU A 175 23.35 16.99 -6.49
CA LEU A 175 22.30 17.45 -7.40
C LEU A 175 22.49 17.00 -8.84
N THR A 176 21.49 16.33 -9.39
CA THR A 176 21.51 15.89 -10.79
C THR A 176 21.57 17.09 -11.76
N ALA A 178 23.19 17.41 -12.61
CA ALA A 178 23.37 18.38 -13.65
C ALA A 178 22.12 18.39 -14.55
N VAL A 179 21.51 17.22 -14.81
CA VAL A 179 20.31 17.14 -15.70
C VAL A 179 19.07 17.76 -15.05
N VAL A 180 18.90 17.53 -13.76
CA VAL A 180 17.74 18.03 -13.03
C VAL A 180 17.78 19.54 -12.89
N MET A 181 18.97 20.04 -12.65
CA MET A 181 19.25 21.46 -12.57
C MET A 181 18.81 22.23 -13.83
N LEU A 182 19.13 21.66 -15.00
CA LEU A 182 18.86 22.31 -16.28
C LEU A 182 17.38 22.27 -16.61
N ARG A 183 16.74 21.14 -16.37
CA ARG A 183 15.28 21.00 -16.46
C ARG A 183 14.55 22.00 -15.56
N SER A 184 15.10 22.21 -14.36
CA SER A 184 14.46 23.00 -13.32
C SER A 184 14.78 24.48 -13.40
N THR A 185 15.97 24.87 -13.86
CA THR A 185 16.21 26.28 -14.18
C THR A 185 15.37 26.73 -15.40
N ILE A 186 14.94 25.77 -16.23
CA ILE A 186 13.98 26.05 -17.31
C ILE A 186 12.51 26.15 -16.81
N ARG A 187 12.25 25.68 -15.58
CA ARG A 187 10.91 25.78 -14.93
C ARG A 187 10.52 27.23 -14.62
N MET A 188 10.81 28.10 -15.59
CA MET A 188 10.63 29.54 -15.51
C MET A 188 10.02 30.03 -16.81
N GLY A 189 10.50 29.46 -17.92
CA GLY A 189 10.12 29.85 -19.30
C GLY A 189 8.90 30.78 -19.41
N ARG A 190 9.18 32.08 -19.41
CA ARG A 190 8.19 33.17 -19.46
C ARG A 190 6.77 32.80 -19.93
N MET B 1 19.34 17.79 35.52
CA MET B 1 20.30 16.85 36.11
C MET B 1 20.07 15.53 35.42
N ARG B 2 21.17 14.93 34.99
CA ARG B 2 21.20 13.78 34.15
C ARG B 2 22.32 12.87 34.63
N LEU B 3 21.97 11.62 34.88
CA LEU B 3 22.92 10.62 35.21
C LEU B 3 23.00 9.55 34.13
N GLU B 4 24.18 8.97 33.99
CA GLU B 4 24.31 7.70 33.25
C GLU B 4 24.73 6.55 34.23
N VAL B 5 24.03 5.43 34.21
CA VAL B 5 24.31 4.29 35.08
C VAL B 5 24.66 3.09 34.17
N PHE B 6 25.86 2.57 34.35
CA PHE B 6 26.36 1.40 33.66
C PHE B 6 26.04 0.23 34.52
N CYS B 7 25.64 -0.85 33.89
CA CYS B 7 25.17 -1.93 34.66
C CYS B 7 25.20 -3.23 33.87
N GLU B 8 25.40 -4.32 34.61
CA GLU B 8 25.42 -5.68 34.09
C GLU B 8 24.00 -6.00 33.62
N ASP B 9 23.81 -6.98 32.74
CA ASP B 9 22.42 -7.30 32.39
C ASP B 9 21.72 -8.17 33.42
N ARG B 10 21.25 -7.58 34.53
CA ARG B 10 20.52 -8.32 35.58
C ARG B 10 19.04 -7.97 35.67
N LEU B 11 18.20 -8.99 35.88
CA LEU B 11 16.77 -8.77 36.09
C LEU B 11 16.48 -7.86 37.28
N GLY B 12 15.64 -6.85 37.04
CA GLY B 12 15.06 -6.00 38.09
C GLY B 12 15.78 -4.70 38.41
N LEU B 13 16.94 -4.50 37.81
CA LEU B 13 17.77 -3.35 38.10
C LEU B 13 17.07 -2.02 37.77
N THR B 14 16.53 -1.91 36.55
CA THR B 14 15.92 -0.67 36.07
C THR B 14 14.84 -0.22 37.04
N ARG B 15 14.02 -1.19 37.47
CA ARG B 15 12.89 -0.95 38.35
C ARG B 15 13.30 -0.67 39.77
N GLU B 16 14.47 -1.18 40.17
CA GLU B 16 14.97 -0.97 41.50
C GLU B 16 15.54 0.45 41.53
N LEU B 17 16.16 0.83 40.43
CA LEU B 17 16.60 2.19 40.22
C LEU B 17 15.45 3.22 40.23
N LEU B 18 14.32 2.89 39.60
CA LEU B 18 13.08 3.70 39.62
C LEU B 18 12.46 3.80 41.05
N ASP B 19 12.42 2.68 41.77
CA ASP B 19 12.00 2.63 43.17
C ASP B 19 12.91 3.54 43.98
N LEU B 20 14.21 3.54 43.72
CA LEU B 20 15.10 4.38 44.53
C LEU B 20 14.71 5.85 44.42
N LEU B 21 14.48 6.31 43.19
CA LEU B 21 14.18 7.71 42.91
C LEU B 21 12.77 8.08 43.39
N VAL B 22 11.79 7.20 43.16
CA VAL B 22 10.48 7.40 43.77
C VAL B 22 10.60 7.64 45.26
N LEU B 23 11.29 6.73 45.95
CA LEU B 23 11.46 6.78 47.40
C LEU B 23 12.23 7.99 47.93
N ARG B 24 13.27 8.44 47.19
CA ARG B 24 13.98 9.64 47.60
C ARG B 24 13.21 10.88 47.19
N GLY B 25 11.97 10.71 46.75
CA GLY B 25 11.18 11.85 46.25
C GLY B 25 11.76 12.63 45.06
N ILE B 26 12.55 11.99 44.23
CA ILE B 26 13.16 12.66 43.06
C ILE B 26 12.16 12.87 41.92
N ASP B 27 12.16 14.08 41.40
CA ASP B 27 11.23 14.49 40.37
C ASP B 27 11.80 13.98 39.05
N LEU B 28 11.55 12.68 38.77
CA LEU B 28 12.00 12.04 37.55
C LEU B 28 11.18 12.43 36.31
N ARG B 29 11.87 12.93 35.28
CA ARG B 29 11.22 13.35 34.04
C ARG B 29 11.45 12.27 32.98
N GLY B 30 12.63 11.68 32.95
CA GLY B 30 12.90 10.71 31.89
C GLY B 30 13.92 9.67 32.18
N ILE B 31 13.66 8.50 31.60
CA ILE B 31 14.65 7.41 31.58
C ILE B 31 14.85 7.00 30.10
N GLU B 32 16.09 6.83 29.68
CA GLU B 32 16.32 6.26 28.37
C GLU B 32 17.26 5.06 28.55
N ILE B 33 16.91 3.93 27.97
CA ILE B 33 17.76 2.80 27.99
C ILE B 33 18.47 2.64 26.67
N ASP B 34 19.78 2.44 26.81
CA ASP B 34 20.69 2.16 25.73
C ASP B 34 20.73 0.64 25.53
N PRO B 35 20.38 0.16 24.32
CA PRO B 35 20.29 -1.30 24.09
C PRO B 35 21.48 -2.11 24.60
N ILE B 36 22.65 -1.48 24.70
CA ILE B 36 23.83 -2.14 25.22
C ILE B 36 23.54 -2.65 26.62
N GLY B 37 23.10 -1.74 27.48
CA GLY B 37 23.22 -1.95 28.92
C GLY B 37 23.72 -0.65 29.56
N ARG B 38 23.00 0.46 29.29
CA ARG B 38 23.24 1.75 29.92
C ARG B 38 21.90 2.44 30.11
N ILE B 39 21.74 3.05 31.28
CA ILE B 39 20.50 3.68 31.67
C ILE B 39 20.74 5.13 32.01
N TYR B 40 19.95 6.00 31.39
CA TYR B 40 20.11 7.43 31.55
C TYR B 40 18.90 8.00 32.24
N LEU B 41 19.13 8.93 33.15
CA LEU B 41 18.09 9.49 34.03
C LEU B 41 18.09 10.99 33.90
N ASN B 42 16.91 11.55 33.74
CA ASN B 42 16.74 12.98 33.64
C ASN B 42 15.75 13.42 34.71
N PHE B 43 16.18 14.26 35.63
CA PHE B 43 15.33 14.63 36.72
C PHE B 43 15.54 16.09 37.09
N ALA B 44 14.56 16.65 37.80
CA ALA B 44 14.66 18.06 38.29
C ALA B 44 15.87 18.28 39.21
N GLU B 45 16.25 19.54 39.36
CA GLU B 45 17.45 19.92 40.06
C GLU B 45 17.40 19.46 41.52
N LEU B 46 18.49 18.84 41.95
CA LEU B 46 18.66 18.41 43.33
C LEU B 46 19.61 19.36 43.97
N GLU B 47 19.42 19.62 45.25
CA GLU B 47 20.51 20.23 45.99
C GLU B 47 21.69 19.27 46.05
N PHE B 48 22.86 19.85 46.06
CA PHE B 48 24.15 19.19 46.01
C PHE B 48 24.33 18.03 47.00
N GLU B 49 23.88 18.22 48.24
CA GLU B 49 23.98 17.18 49.26
C GLU B 49 23.10 15.98 48.88
N SER B 50 21.90 16.23 48.39
CA SER B 50 21.05 15.12 47.90
C SER B 50 21.52 14.48 46.61
N PHE B 51 22.15 15.26 45.71
CA PHE B 51 22.57 14.66 44.43
C PHE B 51 23.63 13.61 44.74
N SER B 52 24.50 14.01 45.65
CA SER B 52 25.57 13.19 46.13
C SER B 52 25.08 11.89 46.80
N SER B 53 24.15 12.01 47.75
CA SER B 53 23.56 10.86 48.46
C SER B 53 23.01 9.96 47.40
N LEU B 54 22.25 10.54 46.47
CA LEU B 54 21.61 9.76 45.40
C LEU B 54 22.61 8.91 44.61
N MET B 55 23.72 9.53 44.22
CA MET B 55 24.71 8.90 43.36
C MET B 55 25.47 7.82 44.07
N ALA B 56 25.86 8.11 45.34
CA ALA B 56 26.26 7.08 46.31
C ALA B 56 25.30 5.89 46.46
N GLU B 57 24.00 6.08 46.60
CA GLU B 57 23.14 4.92 46.82
C GLU B 57 22.98 4.09 45.53
N ILE B 58 22.69 4.76 44.41
CA ILE B 58 22.86 4.15 43.07
C ILE B 58 24.12 3.31 42.86
N ARG B 59 25.31 3.78 43.23
CA ARG B 59 26.49 2.96 42.94
C ARG B 59 26.53 1.63 43.74
N ARG B 60 25.64 1.51 44.74
CA ARG B 60 25.55 0.32 45.62
C ARG B 60 24.43 -0.65 45.22
N ILE B 61 23.56 -0.25 44.28
CA ILE B 61 22.56 -1.20 43.71
C ILE B 61 23.35 -2.34 43.12
N ALA B 62 22.91 -3.58 43.34
CA ALA B 62 23.61 -4.79 42.88
C ALA B 62 23.54 -4.85 41.35
N GLY B 63 24.67 -5.16 40.70
CA GLY B 63 24.76 -5.09 39.23
C GLY B 63 25.06 -3.73 38.56
N VAL B 64 25.04 -2.63 39.33
CA VAL B 64 25.43 -1.31 38.77
C VAL B 64 26.95 -1.33 38.80
N THR B 65 27.61 -1.08 37.66
CA THR B 65 29.09 -1.09 37.64
C THR B 65 29.69 0.32 37.67
N ASP B 66 28.84 1.37 37.55
CA ASP B 66 29.34 2.77 37.58
C ASP B 66 28.15 3.74 37.52
N VAL B 67 28.35 5.01 37.91
CA VAL B 67 27.35 6.09 37.75
C VAL B 67 28.06 7.39 37.51
N ARG B 68 27.58 8.22 36.59
CA ARG B 68 28.23 9.47 36.30
C ARG B 68 27.26 10.45 35.76
N THR B 69 27.47 11.72 36.09
CA THR B 69 26.68 12.76 35.48
C THR B 69 27.15 12.85 34.05
N VAL B 70 26.24 13.34 33.21
CA VAL B 70 26.41 13.42 31.75
C VAL B 70 25.73 14.70 31.29
N PRO B 71 26.24 15.36 30.24
CA PRO B 71 25.58 16.61 29.82
C PRO B 71 24.29 16.42 29.05
N TRP B 72 24.10 15.26 28.43
CA TRP B 72 22.96 15.09 27.55
C TRP B 72 22.41 13.68 27.63
N MET B 73 21.10 13.55 27.44
CA MET B 73 20.48 12.26 27.16
C MET B 73 20.82 11.82 25.74
N PRO B 74 20.79 10.48 25.43
CA PRO B 74 20.91 10.14 23.99
C PRO B 74 19.97 10.87 23.06
N SER B 75 18.70 10.99 23.40
CA SER B 75 17.76 11.72 22.51
C SER B 75 18.25 13.17 22.23
N GLU B 76 18.84 13.79 23.24
CA GLU B 76 19.37 15.14 23.18
C GLU B 76 20.66 15.25 22.37
N ARG B 77 21.56 14.26 22.49
CA ARG B 77 22.71 14.11 21.58
C ARG B 77 22.23 13.97 20.15
N GLU B 78 21.23 13.11 19.88
CA GLU B 78 20.59 12.99 18.54
C GLU B 78 20.07 14.33 18.00
N HIS B 79 19.34 15.06 18.84
CA HIS B 79 18.83 16.35 18.47
C HIS B 79 20.00 17.30 18.08
N LEU B 80 21.08 17.27 18.86
CA LEU B 80 22.22 18.11 18.60
C LEU B 80 22.90 17.80 17.29
N ALA B 81 23.09 16.52 16.99
CA ALA B 81 23.71 16.08 15.74
C ALA B 81 22.88 16.37 14.47
N LEU B 82 21.57 16.37 14.60
CA LEU B 82 20.70 16.75 13.50
C LEU B 82 20.60 18.28 13.31
N SER B 83 20.56 19.04 14.40
CA SER B 83 20.62 20.49 14.35
C SER B 83 21.89 20.92 13.65
N ALA B 84 23.00 20.23 13.95
CA ALA B 84 24.33 20.55 13.39
C ALA B 84 24.43 20.33 11.88
N LEU B 85 23.80 19.26 11.37
CA LEU B 85 23.71 19.03 9.89
C LEU B 85 22.93 20.17 9.25
N LEU B 86 21.69 20.36 9.67
CA LEU B 86 20.90 21.47 9.23
C LEU B 86 21.63 22.83 9.26
N GLU B 87 22.32 23.14 10.35
CA GLU B 87 23.00 24.44 10.46
C GLU B 87 24.25 24.54 9.58
N ALA B 88 24.86 23.41 9.26
CA ALA B 88 26.03 23.40 8.37
C ALA B 88 25.67 23.67 6.91
N LEU B 89 24.45 23.34 6.50
CA LEU B 89 24.04 23.44 5.09
C LEU B 89 24.32 24.85 4.53
N PRO B 90 25.13 24.93 3.45
CA PRO B 90 25.70 26.25 3.08
C PRO B 90 24.65 27.26 2.64
N GLU B 91 23.60 26.78 1.97
CA GLU B 91 22.58 27.63 1.45
C GLU B 91 21.26 27.57 2.23
N PRO B 92 20.41 28.62 2.12
CA PRO B 92 19.25 28.70 2.98
C PRO B 92 18.36 27.47 2.97
N VAL B 93 17.99 27.03 4.18
CA VAL B 93 16.99 25.98 4.38
C VAL B 93 16.05 26.45 5.49
N LEU B 94 14.76 26.23 5.27
CA LEU B 94 13.75 26.43 6.28
C LEU B 94 12.65 25.39 6.16
N SER B 95 11.89 25.20 7.23
CA SER B 95 10.69 24.44 7.12
C SER B 95 9.58 25.34 7.58
N VAL B 96 8.35 24.98 7.21
CA VAL B 96 7.16 25.76 7.57
C VAL B 96 6.10 24.77 7.94
N ASP B 97 5.18 25.15 8.84
CA ASP B 97 4.03 24.33 9.19
C ASP B 97 2.84 24.53 8.22
N MET B 98 1.69 23.92 8.51
CA MET B 98 0.56 23.92 7.59
C MET B 98 -0.09 25.30 7.39
N LYS B 99 0.27 26.25 8.25
CA LYS B 99 -0.15 27.65 8.12
C LYS B 99 0.94 28.44 7.45
N SER B 100 1.94 27.72 6.93
CA SER B 100 3.18 28.27 6.37
C SER B 100 4.08 29.15 7.25
N LYS B 101 3.88 29.10 8.58
CA LYS B 101 4.75 29.75 9.55
C LYS B 101 6.09 29.03 9.67
N VAL B 102 7.18 29.79 9.75
CA VAL B 102 8.53 29.20 9.79
C VAL B 102 8.75 28.42 11.09
N ASP B 103 9.15 27.15 10.97
CA ASP B 103 9.49 26.33 12.12
C ASP B 103 11.00 26.33 12.25
N MET B 104 11.73 25.74 11.32
CA MET B 104 13.21 25.79 11.43
C MET B 104 13.83 26.59 10.33
N ALA B 105 15.04 27.08 10.60
CA ALA B 105 15.80 27.86 9.67
C ALA B 105 17.27 27.77 10.03
N ASN B 106 18.10 27.47 9.04
CA ASN B 106 19.57 27.40 9.22
C ASN B 106 20.20 28.83 9.26
N PRO B 107 21.45 29.00 9.75
CA PRO B 107 22.09 30.36 9.69
C PRO B 107 22.12 31.05 8.32
N ALA B 108 22.38 30.27 7.26
CA ALA B 108 22.28 30.80 5.89
C ALA B 108 20.95 31.56 5.67
N SER B 109 19.83 31.04 6.20
CA SER B 109 18.52 31.71 6.17
C SER B 109 18.44 32.99 7.05
N CYS B 110 18.99 32.89 8.25
CA CYS B 110 18.96 34.02 9.18
C CYS B 110 19.65 35.20 8.56
N GLN B 111 20.82 34.92 7.97
CA GLN B 111 21.63 35.86 7.22
C GLN B 111 20.89 36.45 6.01
N LEU B 112 20.29 35.59 5.17
CA LEU B 112 19.52 36.05 3.99
C LEU B 112 18.42 37.02 4.34
N PHE B 113 17.50 36.59 5.19
CA PHE B 113 16.37 37.43 5.58
C PHE B 113 16.77 38.50 6.61
N GLY B 114 18.01 38.48 7.08
CA GLY B 114 18.45 39.48 8.09
C GLY B 114 17.65 39.54 9.39
N GLN B 115 17.37 38.37 9.98
CA GLN B 115 16.60 38.26 11.24
C GLN B 115 17.15 37.04 11.98
N LYS B 116 17.34 37.17 13.29
CA LYS B 116 17.65 36.01 14.12
C LYS B 116 16.48 35.04 14.06
N LEU B 117 16.78 33.75 14.25
CA LEU B 117 15.84 32.66 14.06
C LEU B 117 14.56 32.81 14.85
N ASP B 118 14.66 33.27 16.10
CA ASP B 118 13.53 33.56 16.97
C ASP B 118 12.47 34.42 16.28
N ARG B 119 12.92 35.51 15.67
CA ARG B 119 12.04 36.39 14.89
C ARG B 119 11.60 35.76 13.57
N LEU B 120 12.49 35.04 12.89
CA LEU B 120 12.08 34.36 11.65
C LEU B 120 10.84 33.50 11.91
N ARG B 121 10.85 32.79 13.03
CA ARG B 121 9.72 31.97 13.45
C ARG B 121 8.37 32.71 13.63
N ASN B 122 8.38 34.04 13.67
CA ASN B 122 7.08 34.79 13.75
C ASN B 122 6.30 34.93 12.41
N HIS B 123 7.01 34.63 11.32
CA HIS B 123 6.60 34.88 9.96
C HIS B 123 6.12 33.67 9.22
N THR B 124 5.07 33.87 8.43
CA THR B 124 4.73 33.01 7.32
C THR B 124 5.79 33.13 6.19
N ALA B 125 5.86 32.12 5.36
CA ALA B 125 6.78 32.15 4.25
C ALA B 125 6.53 33.35 3.29
N ALA B 126 5.28 33.71 3.04
CA ALA B 126 5.01 34.82 2.13
C ALA B 126 5.32 36.19 2.71
N GLN B 127 5.75 36.24 3.96
CA GLN B 127 6.21 37.51 4.55
C GLN B 127 7.70 37.68 4.31
N LEU B 128 8.36 36.62 3.88
CA LEU B 128 9.80 36.58 3.75
C LEU B 128 10.25 36.46 2.26
N ILE B 129 9.44 35.77 1.48
CA ILE B 129 9.80 35.46 0.12
C ILE B 129 8.62 35.90 -0.73
N ASN B 130 8.85 36.84 -1.65
CA ASN B 130 7.81 37.21 -2.62
C ASN B 130 7.75 36.20 -3.77
N GLY B 131 6.62 36.17 -4.48
CA GLY B 131 6.48 35.50 -5.79
C GLY B 131 6.06 34.06 -5.70
N PHE B 132 5.59 33.66 -4.54
CA PHE B 132 5.04 32.31 -4.36
C PHE B 132 3.95 32.31 -3.31
N ASN B 133 2.83 31.69 -3.65
CA ASN B 133 1.70 31.51 -2.73
C ASN B 133 1.90 30.21 -1.94
N PHE B 134 2.58 30.30 -0.77
CA PHE B 134 3.02 29.11 -0.01
C PHE B 134 1.80 28.44 0.61
N LEU B 135 0.88 29.26 1.08
CA LEU B 135 -0.27 28.76 1.82
C LEU B 135 -1.22 28.04 0.87
N ARG B 136 -1.53 28.69 -0.25
CA ARG B 136 -2.31 28.04 -1.33
C ARG B 136 -1.74 26.69 -1.80
N TRP B 137 -0.44 26.63 -2.04
CA TRP B 137 0.21 25.38 -2.45
C TRP B 137 0.10 24.28 -1.38
N LEU B 138 0.22 24.69 -0.12
CA LEU B 138 0.00 23.82 1.07
C LEU B 138 -1.40 23.23 1.14
N GLU B 139 -2.40 24.03 0.82
CA GLU B 139 -3.77 23.56 0.86
C GLU B 139 -4.12 22.81 -0.42
N SER B 140 -3.18 22.60 -1.33
CA SER B 140 -3.46 21.82 -2.56
C SER B 140 -3.31 20.36 -2.32
N GLU B 141 -2.87 20.01 -1.12
CA GLU B 141 -2.45 18.63 -0.79
C GLU B 141 -1.38 18.23 -1.78
N PRO B 142 -0.26 18.98 -1.83
CA PRO B 142 0.73 18.65 -2.90
C PRO B 142 1.40 17.27 -2.67
N GLN B 143 1.73 16.55 -3.73
CA GLN B 143 2.43 15.27 -3.59
C GLN B 143 3.90 15.44 -3.91
N ASP B 144 4.18 16.40 -4.81
CA ASP B 144 5.46 16.52 -5.47
C ASP B 144 6.15 17.78 -4.98
N SER B 145 7.47 17.83 -5.15
CA SER B 145 8.23 19.07 -5.04
C SER B 145 7.84 20.15 -6.08
N HIS B 146 8.00 21.41 -5.70
CA HIS B 146 7.78 22.51 -6.61
C HIS B 146 8.99 23.40 -6.67
N ASN B 147 9.34 23.76 -7.89
CA ASN B 147 10.36 24.78 -8.18
C ASN B 147 9.82 26.08 -8.76
N GLU B 148 10.31 27.16 -8.17
CA GLU B 148 9.93 28.50 -8.44
C GLU B 148 11.23 29.33 -8.42
N HIS B 149 11.37 30.25 -9.39
CA HIS B 149 12.38 31.30 -9.36
C HIS B 149 11.84 32.45 -8.56
N VAL B 150 12.57 32.85 -7.52
CA VAL B 150 12.14 33.92 -6.62
C VAL B 150 13.29 34.94 -6.50
N VAL B 151 12.96 36.18 -6.14
CA VAL B 151 13.98 37.20 -5.92
C VAL B 151 13.84 37.60 -4.47
N ILE B 152 14.95 37.53 -3.75
CA ILE B 152 15.02 37.83 -2.33
C ILE B 152 16.15 38.83 -2.13
N ASN B 153 15.75 40.04 -1.74
CA ASN B 153 16.68 41.14 -1.52
C ASN B 153 17.52 41.39 -2.79
N GLY B 154 16.85 41.35 -3.94
CA GLY B 154 17.52 41.52 -5.21
C GLY B 154 18.45 40.40 -5.69
N GLN B 155 18.53 39.29 -4.95
CA GLN B 155 19.31 38.09 -5.36
C GLN B 155 18.37 37.03 -5.90
N ASN B 156 18.70 36.47 -7.07
CA ASN B 156 17.88 35.44 -7.69
C ASN B 156 18.15 34.04 -7.17
N PHE B 157 17.07 33.32 -6.84
CA PHE B 157 17.16 31.96 -6.29
C PHE B 157 16.20 31.04 -7.06
N LEU B 158 16.64 29.79 -7.23
CA LEU B 158 15.77 28.65 -7.49
C LEU B 158 15.33 28.12 -6.11
N MET B 159 14.01 27.98 -5.97
CA MET B 159 13.36 27.60 -4.71
C MET B 159 12.69 26.30 -5.00
N GLU B 160 13.07 25.31 -4.21
CA GLU B 160 12.42 24.03 -4.22
C GLU B 160 11.73 23.88 -2.84
N ILE B 161 10.43 23.68 -2.87
CA ILE B 161 9.65 23.44 -1.69
C ILE B 161 9.04 22.05 -1.80
N THR B 162 9.24 21.25 -0.75
CA THR B 162 8.89 19.83 -0.75
C THR B 162 7.94 19.55 0.42
N PRO B 163 6.89 18.70 0.21
CA PRO B 163 5.94 18.31 1.24
C PRO B 163 6.58 17.34 2.31
N VAL B 164 6.26 17.56 3.59
CA VAL B 164 6.87 16.80 4.68
C VAL B 164 5.83 15.86 5.32
N TYR B 165 6.10 14.55 5.20
CA TYR B 165 5.48 13.39 5.97
C TYR B 165 4.00 13.22 5.61
N LEU B 166 3.17 12.89 6.62
CA LEU B 166 1.70 12.83 6.44
C LEU B 166 0.99 14.19 6.60
N GLN B 167 1.10 14.95 5.52
CA GLN B 167 1.21 16.40 5.44
C GLN B 167 1.31 17.17 6.74
N ASP B 168 2.51 17.60 7.12
CA ASP B 168 2.62 18.48 8.26
C ASP B 168 3.27 19.81 7.94
N GLU B 169 3.82 19.91 6.75
CA GLU B 169 4.21 21.17 6.19
C GLU B 169 5.15 20.93 5.05
N ASN B 170 6.27 21.64 5.08
CA ASN B 170 7.14 21.68 3.93
C ASN B 170 8.55 22.12 4.24
N ASP B 171 9.44 21.60 3.43
CA ASP B 171 10.81 21.93 3.45
C ASP B 171 11.15 22.88 2.28
N GLN B 172 11.79 24.01 2.57
CA GLN B 172 12.23 24.95 1.58
C GLN B 172 13.74 25.03 1.45
N HIS B 173 14.22 24.94 0.22
CA HIS B 173 15.65 24.97 -0.12
C HIS B 173 15.83 26.11 -1.13
N VAL B 174 16.71 27.06 -0.84
CA VAL B 174 17.00 28.08 -1.83
C VAL B 174 18.46 28.02 -2.32
N LEU B 175 18.62 27.99 -3.64
CA LEU B 175 19.92 27.94 -4.31
C LEU B 175 20.14 29.20 -5.15
N THR B 176 21.21 29.95 -4.90
CA THR B 176 21.51 31.11 -5.75
C THR B 176 21.54 30.80 -7.24
N ALA B 178 20.64 31.28 -8.51
CA ALA B 178 20.76 31.02 -9.94
C ALA B 178 22.24 31.25 -10.34
N VAL B 179 22.93 32.11 -9.61
CA VAL B 179 24.28 32.56 -10.01
C VAL B 179 25.40 31.62 -9.51
N VAL B 180 25.33 31.18 -8.23
CA VAL B 180 26.29 30.20 -7.71
C VAL B 180 26.21 28.91 -8.53
N MET B 181 24.98 28.48 -8.84
CA MET B 181 24.74 27.36 -9.76
C MET B 181 25.51 27.46 -11.08
N LEU B 182 25.41 28.59 -11.79
CA LEU B 182 26.15 28.76 -13.05
C LEU B 182 27.64 28.71 -12.86
N ARG B 183 28.14 29.37 -11.82
CA ARG B 183 29.53 29.32 -11.40
C ARG B 183 30.06 27.89 -11.12
N SER B 184 29.24 27.10 -10.44
CA SER B 184 29.51 25.68 -10.16
C SER B 184 29.49 24.78 -11.41
N THR B 185 28.48 24.97 -12.26
CA THR B 185 28.38 24.22 -13.48
C THR B 185 29.42 24.68 -14.51
N ILE B 186 29.87 25.92 -14.41
CA ILE B 186 31.05 26.40 -15.16
C ILE B 186 32.40 25.80 -14.68
N ARG B 187 32.56 25.69 -13.35
CA ARG B 187 33.72 25.01 -12.74
C ARG B 187 33.74 23.53 -13.09
N MET B 188 32.58 22.89 -13.02
CA MET B 188 32.42 21.47 -13.43
C MET B 188 33.06 21.13 -14.78
N GLY B 189 33.12 22.11 -15.69
CA GLY B 189 33.90 22.00 -16.94
C GLY B 189 35.40 21.74 -16.78
N ARG B 190 35.97 21.97 -15.58
CA ARG B 190 37.35 21.51 -15.19
C ARG B 190 37.64 21.33 -13.64
N MET C 1 -24.74 -28.09 -8.95
CA MET C 1 -26.08 -27.83 -8.37
C MET C 1 -26.00 -26.86 -7.20
N ARG C 2 -27.07 -26.07 -7.00
CA ARG C 2 -27.23 -25.21 -5.80
C ARG C 2 -28.50 -25.52 -5.01
N LEU C 3 -28.38 -25.70 -3.70
CA LEU C 3 -29.58 -25.84 -2.84
C LEU C 3 -29.68 -24.66 -1.89
N GLU C 4 -30.92 -24.32 -1.54
CA GLU C 4 -31.18 -23.32 -0.53
C GLU C 4 -31.97 -23.96 0.63
N VAL C 5 -31.34 -24.01 1.82
CA VAL C 5 -31.92 -24.57 3.03
C VAL C 5 -32.46 -23.42 3.89
N PHE C 6 -33.78 -23.37 4.00
CA PHE C 6 -34.47 -22.41 4.83
C PHE C 6 -34.45 -22.99 6.23
N CYS C 7 -34.05 -22.20 7.21
CA CYS C 7 -34.06 -22.73 8.55
C CYS C 7 -34.38 -21.72 9.66
N GLU C 8 -34.72 -22.23 10.82
CA GLU C 8 -34.84 -21.40 12.02
C GLU C 8 -33.45 -21.03 12.50
N ASP C 9 -33.37 -19.91 13.18
CA ASP C 9 -32.16 -19.58 13.90
C ASP C 9 -32.05 -20.60 15.06
N ARG C 10 -31.26 -21.65 14.86
CA ARG C 10 -30.92 -22.52 15.96
C ARG C 10 -29.50 -22.98 15.87
N LEU C 11 -28.82 -22.98 17.02
CA LEU C 11 -27.43 -23.41 17.15
C LEU C 11 -27.35 -24.88 16.80
N GLY C 12 -26.25 -25.28 16.18
CA GLY C 12 -26.02 -26.68 15.87
C GLY C 12 -26.48 -27.16 14.49
N LEU C 13 -27.40 -26.40 13.88
CA LEU C 13 -27.95 -26.76 12.62
C LEU C 13 -26.92 -26.96 11.49
N THR C 14 -26.03 -26.00 11.34
CA THR C 14 -25.08 -25.93 10.23
C THR C 14 -24.11 -27.09 10.23
N ARG C 15 -23.61 -27.41 11.42
CA ARG C 15 -22.71 -28.52 11.68
C ARG C 15 -23.42 -29.84 11.40
N GLU C 16 -24.67 -29.96 11.83
CA GLU C 16 -25.49 -31.13 11.54
C GLU C 16 -25.71 -31.36 10.04
N LEU C 17 -26.00 -30.30 9.30
CA LEU C 17 -26.01 -30.26 7.81
C LEU C 17 -24.72 -30.79 7.19
N LEU C 18 -23.61 -30.26 7.67
CA LEU C 18 -22.27 -30.61 7.17
C LEU C 18 -21.89 -32.05 7.42
N ASP C 19 -22.14 -32.56 8.63
CA ASP C 19 -21.93 -33.97 8.87
C ASP C 19 -22.84 -34.84 8.03
N LEU C 20 -24.07 -34.41 7.79
CA LEU C 20 -24.93 -35.21 6.87
C LEU C 20 -24.26 -35.31 5.47
N LEU C 21 -23.88 -34.16 4.90
CA LEU C 21 -23.15 -34.12 3.58
C LEU C 21 -21.85 -34.95 3.56
N VAL C 22 -21.10 -34.91 4.66
CA VAL C 22 -19.96 -35.85 4.82
C VAL C 22 -20.40 -37.35 4.78
N LEU C 23 -21.34 -37.74 5.64
CA LEU C 23 -21.81 -39.14 5.64
C LEU C 23 -22.31 -39.63 4.23
N ARG C 24 -22.94 -38.74 3.50
CA ARG C 24 -23.44 -39.11 2.19
C ARG C 24 -22.36 -38.96 1.08
N GLY C 25 -21.17 -38.52 1.43
CA GLY C 25 -20.09 -38.33 0.46
C GLY C 25 -20.29 -37.26 -0.60
N ILE C 26 -21.08 -36.22 -0.32
CA ILE C 26 -21.38 -35.15 -1.29
C ILE C 26 -20.19 -34.30 -1.61
N ASP C 27 -20.08 -33.98 -2.91
CA ASP C 27 -18.99 -33.17 -3.41
C ASP C 27 -19.32 -31.66 -3.23
N LEU C 28 -19.12 -31.17 -2.01
CA LEU C 28 -19.46 -29.81 -1.60
C LEU C 28 -18.30 -28.85 -1.90
N ARG C 29 -18.59 -27.76 -2.59
CA ARG C 29 -17.55 -26.83 -2.98
C ARG C 29 -17.69 -25.51 -2.26
N GLY C 30 -18.85 -25.26 -1.69
CA GLY C 30 -19.17 -23.99 -1.14
C GLY C 30 -20.37 -24.10 -0.24
N ILE C 31 -20.33 -23.27 0.80
CA ILE C 31 -21.48 -23.01 1.63
C ILE C 31 -21.49 -21.54 2.01
N GLU C 32 -22.66 -20.93 1.90
CA GLU C 32 -22.78 -19.54 2.30
C GLU C 32 -23.98 -19.39 3.19
N ILE C 33 -23.87 -18.52 4.19
CA ILE C 33 -24.95 -18.31 5.17
C ILE C 33 -25.54 -16.91 5.00
N ASP C 34 -26.84 -16.89 4.73
CA ASP C 34 -27.65 -15.68 4.77
C ASP C 34 -28.22 -15.50 6.19
N PRO C 35 -28.01 -14.31 6.81
CA PRO C 35 -28.59 -14.04 8.15
C PRO C 35 -30.11 -14.28 8.27
N ILE C 36 -30.89 -13.83 7.29
CA ILE C 36 -32.36 -13.97 7.30
C ILE C 36 -32.91 -15.41 7.47
N GLY C 37 -32.03 -16.41 7.47
CA GLY C 37 -32.42 -17.80 7.74
C GLY C 37 -32.22 -18.79 6.61
N ARG C 38 -31.13 -18.61 5.85
CA ARG C 38 -30.87 -19.43 4.64
C ARG C 38 -29.40 -19.85 4.56
N ILE C 39 -29.19 -21.13 4.25
CA ILE C 39 -27.87 -21.67 3.88
C ILE C 39 -27.85 -22.09 2.38
N TYR C 40 -26.77 -21.74 1.69
CA TYR C 40 -26.57 -22.11 0.29
C TYR C 40 -25.49 -23.12 0.16
N LEU C 41 -25.80 -24.12 -0.67
CA LEU C 41 -24.97 -25.25 -0.88
C LEU C 41 -24.63 -25.36 -2.37
N ASN C 42 -23.33 -25.32 -2.66
CA ASN C 42 -22.82 -25.56 -4.00
C ASN C 42 -22.25 -26.99 -4.08
N PHE C 43 -22.85 -27.87 -4.87
CA PHE C 43 -22.15 -29.14 -5.13
C PHE C 43 -21.82 -29.31 -6.60
N ALA C 44 -20.75 -30.02 -6.87
CA ALA C 44 -20.54 -30.54 -8.21
C ALA C 44 -21.37 -31.84 -8.42
N GLU C 45 -20.76 -32.82 -9.05
CA GLU C 45 -21.40 -34.01 -9.60
C GLU C 45 -22.48 -34.74 -8.73
N LEU C 46 -23.58 -34.06 -8.34
CA LEU C 46 -24.66 -34.81 -7.67
C LEU C 46 -25.60 -35.37 -8.69
N GLU C 47 -25.58 -36.70 -8.81
CA GLU C 47 -26.44 -37.35 -9.73
C GLU C 47 -27.88 -37.14 -9.32
N PHE C 48 -28.67 -36.73 -10.30
CA PHE C 48 -29.98 -36.14 -10.10
C PHE C 48 -30.93 -37.06 -9.27
N GLU C 49 -30.84 -38.37 -9.50
CA GLU C 49 -31.58 -39.37 -8.70
C GLU C 49 -31.10 -39.59 -7.25
N SER C 50 -30.03 -38.91 -6.84
CA SER C 50 -29.65 -38.83 -5.41
C SER C 50 -30.28 -37.62 -4.76
N PHE C 51 -30.77 -36.70 -5.58
CA PHE C 51 -31.26 -35.41 -5.09
C PHE C 51 -32.50 -35.52 -4.16
N SER C 52 -33.56 -36.25 -4.59
CA SER C 52 -34.72 -36.58 -3.74
C SER C 52 -34.31 -37.03 -2.31
N SER C 53 -33.52 -38.10 -2.30
CA SER C 53 -33.13 -38.81 -1.10
C SER C 53 -32.27 -37.95 -0.19
N LEU C 54 -31.50 -37.05 -0.77
CA LEU C 54 -30.62 -36.24 0.05
C LEU C 54 -31.43 -35.15 0.73
N MET C 55 -32.43 -34.67 0.00
CA MET C 55 -33.30 -33.59 0.45
C MET C 55 -34.26 -34.01 1.56
N ALA C 56 -34.72 -35.26 1.52
CA ALA C 56 -35.42 -35.88 2.64
C ALA C 56 -34.62 -35.91 3.95
N GLU C 57 -33.32 -36.24 3.87
CA GLU C 57 -32.44 -36.28 5.03
C GLU C 57 -32.18 -34.90 5.63
N ILE C 58 -31.91 -33.93 4.78
CA ILE C 58 -31.81 -32.51 5.15
C ILE C 58 -33.04 -32.01 5.88
N ARG C 59 -34.22 -32.46 5.45
CA ARG C 59 -35.47 -32.11 6.07
C ARG C 59 -35.67 -32.73 7.52
N ARG C 60 -34.84 -33.70 7.89
CA ARG C 60 -34.85 -34.33 9.22
C ARG C 60 -33.91 -33.64 10.20
N ILE C 61 -33.20 -32.62 9.73
CA ILE C 61 -32.37 -31.82 10.56
C ILE C 61 -33.21 -30.75 11.29
N ALA C 62 -33.09 -30.79 12.64
CA ALA C 62 -33.88 -29.97 13.57
C ALA C 62 -33.74 -28.50 13.24
N GLY C 63 -34.88 -27.84 13.04
CA GLY C 63 -34.91 -26.43 12.64
C GLY C 63 -34.79 -26.17 11.14
N VAL C 64 -34.61 -27.20 10.33
CA VAL C 64 -34.67 -26.98 8.89
C VAL C 64 -36.14 -26.92 8.62
N THR C 65 -36.57 -25.90 7.88
CA THR C 65 -37.99 -25.80 7.49
C THR C 65 -38.30 -26.20 6.05
N ASP C 66 -37.36 -25.99 5.13
CA ASP C 66 -37.56 -26.37 3.73
C ASP C 66 -36.18 -26.38 3.03
N VAL C 67 -36.06 -27.08 1.91
CA VAL C 67 -34.90 -27.03 0.99
C VAL C 67 -35.49 -26.90 -0.40
N ARG C 68 -34.87 -26.11 -1.27
CA ARG C 68 -35.21 -26.03 -2.71
C ARG C 68 -33.96 -25.77 -3.57
N THR C 69 -33.93 -26.20 -4.83
CA THR C 69 -32.80 -25.89 -5.71
C THR C 69 -32.82 -24.42 -6.04
N VAL C 70 -31.70 -23.89 -6.49
CA VAL C 70 -31.57 -22.46 -6.65
C VAL C 70 -30.63 -22.21 -7.83
N PRO C 71 -30.77 -21.08 -8.54
CA PRO C 71 -29.94 -21.08 -9.73
C PRO C 71 -28.47 -20.94 -9.41
N TRP C 72 -28.15 -19.95 -8.57
CA TRP C 72 -26.78 -19.64 -8.16
C TRP C 72 -26.68 -19.31 -6.68
N MET C 73 -25.45 -19.34 -6.14
CA MET C 73 -25.12 -18.77 -4.84
C MET C 73 -25.25 -17.26 -4.95
N PRO C 74 -25.31 -16.55 -3.81
CA PRO C 74 -25.20 -15.10 -3.88
C PRO C 74 -23.79 -14.59 -4.21
N SER C 75 -22.74 -15.32 -3.80
CA SER C 75 -21.35 -14.96 -4.16
C SER C 75 -20.99 -15.06 -5.67
N GLU C 76 -21.27 -16.21 -6.30
CA GLU C 76 -21.14 -16.34 -7.77
C GLU C 76 -22.13 -15.43 -8.51
N ARG C 77 -23.28 -15.15 -7.90
CA ARG C 77 -24.30 -14.33 -8.53
C ARG C 77 -23.75 -13.12 -9.30
N GLU C 78 -23.67 -13.34 -10.62
CA GLU C 78 -23.64 -12.27 -11.61
C GLU C 78 -22.27 -11.62 -11.91
N HIS C 79 -21.23 -12.10 -11.22
CA HIS C 79 -19.92 -12.20 -11.84
C HIS C 79 -20.04 -13.38 -12.82
N LEU C 80 -21.17 -14.09 -12.73
CA LEU C 80 -21.67 -14.97 -13.78
C LEU C 80 -22.40 -14.20 -14.89
N ALA C 81 -23.02 -13.08 -14.55
CA ALA C 81 -23.73 -12.29 -15.57
C ALA C 81 -22.75 -11.58 -16.50
N LEU C 82 -21.68 -11.04 -15.92
CA LEU C 82 -20.53 -10.50 -16.63
C LEU C 82 -19.86 -11.55 -17.50
N SER C 83 -19.92 -12.79 -17.02
CA SER C 83 -19.38 -13.95 -17.70
C SER C 83 -20.16 -14.32 -18.95
N ALA C 84 -21.49 -14.30 -18.87
CA ALA C 84 -22.34 -14.47 -20.05
C ALA C 84 -22.10 -13.41 -21.18
N LEU C 85 -21.62 -12.22 -20.81
CA LEU C 85 -21.26 -11.22 -21.81
C LEU C 85 -20.01 -11.65 -22.56
N LEU C 86 -18.99 -12.05 -21.81
CA LEU C 86 -17.75 -12.53 -22.34
C LEU C 86 -17.90 -13.77 -23.23
N GLU C 87 -18.81 -14.67 -22.86
CA GLU C 87 -19.03 -15.92 -23.58
C GLU C 87 -19.70 -15.70 -24.89
N ALA C 88 -20.59 -14.70 -24.91
CA ALA C 88 -21.30 -14.29 -26.09
C ALA C 88 -20.39 -13.72 -27.19
N LEU C 89 -19.28 -13.05 -26.81
CA LEU C 89 -18.43 -12.30 -27.76
C LEU C 89 -17.95 -13.22 -28.85
N PRO C 90 -18.33 -12.94 -30.13
CA PRO C 90 -18.24 -13.98 -31.17
C PRO C 90 -16.84 -14.35 -31.59
N GLU C 91 -15.87 -13.51 -31.28
CA GLU C 91 -14.52 -13.78 -31.62
C GLU C 91 -13.67 -13.95 -30.35
N PRO C 92 -12.42 -14.45 -30.47
CA PRO C 92 -11.57 -14.70 -29.30
C PRO C 92 -11.24 -13.50 -28.37
N VAL C 93 -11.52 -13.71 -27.08
CA VAL C 93 -11.18 -12.80 -25.97
C VAL C 93 -10.53 -13.61 -24.90
N LEU C 94 -9.48 -13.07 -24.28
CA LEU C 94 -8.90 -13.70 -23.11
C LEU C 94 -8.09 -12.72 -22.27
N SER C 95 -7.86 -13.10 -21.00
CA SER C 95 -7.07 -12.30 -20.07
C SER C 95 -5.84 -13.10 -19.71
N VAL C 96 -4.73 -12.40 -19.42
CA VAL C 96 -3.50 -13.01 -18.95
C VAL C 96 -3.16 -12.38 -17.61
N ASP C 97 -2.48 -13.10 -16.72
CA ASP C 97 -1.91 -12.45 -15.53
C ASP C 97 -0.54 -11.88 -15.88
N MET C 98 0.17 -11.39 -14.86
CA MET C 98 1.46 -10.72 -15.04
C MET C 98 2.60 -11.69 -15.39
N LYS C 99 2.34 -12.99 -15.28
CA LYS C 99 3.24 -14.02 -15.84
C LYS C 99 2.77 -14.45 -17.22
N SER C 100 1.84 -13.67 -17.80
CA SER C 100 1.25 -13.94 -19.11
C SER C 100 0.53 -15.30 -19.19
N LYS C 101 0.16 -15.88 -18.05
CA LYS C 101 -0.67 -17.10 -18.06
C LYS C 101 -2.12 -16.77 -18.33
N VAL C 102 -2.83 -17.69 -18.99
CA VAL C 102 -4.21 -17.45 -19.33
C VAL C 102 -5.11 -17.53 -18.08
N ASP C 103 -5.76 -16.41 -17.78
CA ASP C 103 -6.75 -16.39 -16.70
C ASP C 103 -8.15 -16.73 -17.25
N MET C 104 -8.76 -15.81 -17.99
CA MET C 104 -10.06 -16.11 -18.59
C MET C 104 -9.99 -16.18 -20.10
N ALA C 105 -11.04 -16.74 -20.72
CA ALA C 105 -11.16 -17.00 -22.16
C ALA C 105 -12.57 -17.48 -22.51
N ASN C 106 -13.19 -16.88 -23.54
CA ASN C 106 -14.56 -17.21 -23.96
C ASN C 106 -14.51 -18.46 -24.83
N PRO C 107 -15.67 -19.00 -25.25
CA PRO C 107 -15.59 -20.21 -26.10
C PRO C 107 -14.93 -20.02 -27.52
N ALA C 108 -15.09 -18.85 -28.13
CA ALA C 108 -14.38 -18.56 -29.39
C ALA C 108 -12.87 -18.74 -29.24
N SER C 109 -12.29 -18.31 -28.11
CA SER C 109 -10.87 -18.64 -27.82
C SER C 109 -10.61 -20.15 -27.77
N CYS C 110 -11.49 -20.91 -27.09
CA CYS C 110 -11.31 -22.35 -26.91
C CYS C 110 -11.44 -23.12 -28.21
N GLN C 111 -12.32 -22.67 -29.10
CA GLN C 111 -12.45 -23.30 -30.41
C GLN C 111 -11.21 -22.99 -31.24
N LEU C 112 -10.77 -21.73 -31.23
CA LEU C 112 -9.62 -21.31 -32.04
C LEU C 112 -8.39 -22.13 -31.66
N PHE C 113 -8.06 -22.14 -30.37
CA PHE C 113 -6.90 -22.87 -29.89
C PHE C 113 -7.12 -24.37 -29.69
N GLY C 114 -8.37 -24.83 -29.82
CA GLY C 114 -8.68 -26.29 -29.84
C GLY C 114 -8.36 -26.97 -28.52
N GLN C 115 -8.44 -26.15 -27.45
CA GLN C 115 -8.28 -26.56 -26.06
C GLN C 115 -9.52 -26.13 -25.29
N LYS C 116 -9.87 -26.91 -24.27
CA LYS C 116 -10.98 -26.61 -23.35
C LYS C 116 -10.46 -25.61 -22.33
N LEU C 117 -11.37 -24.85 -21.71
CA LEU C 117 -10.99 -23.70 -20.88
C LEU C 117 -9.90 -24.02 -19.88
N ASP C 118 -9.92 -25.26 -19.38
CA ASP C 118 -9.07 -25.62 -18.25
C ASP C 118 -7.66 -26.05 -18.60
N ARG C 119 -7.48 -26.79 -19.71
CA ARG C 119 -6.16 -26.93 -20.37
C ARG C 119 -5.66 -25.55 -20.82
N LEU C 120 -6.56 -24.73 -21.36
CA LEU C 120 -6.22 -23.38 -21.84
C LEU C 120 -5.57 -22.54 -20.72
N ARG C 121 -6.25 -22.44 -19.58
CA ARG C 121 -5.69 -21.76 -18.38
C ARG C 121 -4.29 -22.21 -17.91
N ASN C 122 -3.85 -23.38 -18.37
CA ASN C 122 -2.50 -23.88 -18.02
C ASN C 122 -1.39 -23.49 -19.01
N HIS C 123 -1.67 -22.50 -19.87
CA HIS C 123 -0.69 -21.97 -20.83
C HIS C 123 -0.36 -20.49 -20.62
N THR C 124 0.88 -20.17 -20.97
CA THR C 124 1.34 -18.81 -21.29
C THR C 124 0.79 -18.35 -22.64
N ALA C 125 0.67 -17.04 -22.83
CA ALA C 125 0.24 -16.48 -24.09
C ALA C 125 1.15 -16.86 -25.27
N ALA C 126 2.45 -16.83 -25.02
CA ALA C 126 3.50 -17.13 -25.97
C ALA C 126 3.42 -18.58 -26.51
N GLN C 127 2.73 -19.43 -25.77
CA GLN C 127 2.59 -20.85 -26.03
C GLN C 127 1.36 -21.08 -26.87
N LEU C 128 0.47 -20.07 -26.90
CA LEU C 128 -0.75 -20.09 -27.69
C LEU C 128 -0.69 -19.32 -29.02
N ILE C 129 0.04 -18.21 -29.00
CA ILE C 129 0.08 -17.23 -30.08
C ILE C 129 1.56 -16.89 -30.35
N ASN C 130 2.05 -17.25 -31.55
CA ASN C 130 3.35 -16.82 -32.08
C ASN C 130 3.37 -15.34 -32.45
N GLY C 131 4.59 -14.78 -32.50
CA GLY C 131 4.82 -13.49 -33.14
C GLY C 131 4.79 -12.27 -32.23
N PHE C 132 4.80 -12.51 -30.93
CA PHE C 132 4.75 -11.38 -29.99
C PHE C 132 5.33 -11.78 -28.66
N ASN C 133 6.21 -10.91 -28.14
CA ASN C 133 6.81 -11.07 -26.82
C ASN C 133 5.84 -10.50 -25.81
N PHE C 134 4.97 -11.36 -25.33
CA PHE C 134 3.94 -11.01 -24.34
C PHE C 134 4.54 -10.63 -22.98
N LEU C 135 5.50 -11.43 -22.52
CA LEU C 135 6.15 -11.19 -21.24
C LEU C 135 6.83 -9.82 -21.20
N ARG C 136 7.59 -9.53 -22.25
CA ARG C 136 8.25 -8.25 -22.43
C ARG C 136 7.30 -7.05 -22.41
N TRP C 137 6.23 -7.13 -23.20
CA TRP C 137 5.21 -6.06 -23.27
C TRP C 137 4.62 -5.72 -21.91
N LEU C 138 4.35 -6.74 -21.12
CA LEU C 138 3.80 -6.64 -19.75
C LEU C 138 4.79 -5.92 -18.80
N GLU C 139 6.06 -6.32 -18.92
CA GLU C 139 7.20 -5.77 -18.18
C GLU C 139 7.53 -4.31 -18.49
N SER C 140 6.95 -3.76 -19.56
CA SER C 140 7.22 -2.38 -19.97
C SER C 140 6.31 -1.35 -19.29
N GLU C 141 5.49 -1.80 -18.34
CA GLU C 141 4.45 -0.98 -17.70
C GLU C 141 3.51 -0.20 -18.67
N PRO C 142 2.98 -0.88 -19.73
CA PRO C 142 2.29 -0.19 -20.83
C PRO C 142 1.10 0.68 -20.42
N GLN C 143 0.96 1.82 -21.06
CA GLN C 143 -0.12 2.73 -20.75
C GLN C 143 -1.19 2.78 -21.84
N ASP C 144 -1.04 1.94 -22.87
CA ASP C 144 -1.95 1.92 -24.03
C ASP C 144 -2.12 0.51 -24.61
N SER C 145 -3.29 0.26 -25.19
CA SER C 145 -3.50 -0.86 -26.07
C SER C 145 -2.41 -0.91 -27.15
N HIS C 146 -2.13 -2.11 -27.61
CA HIS C 146 -1.15 -2.36 -28.65
C HIS C 146 -1.78 -3.31 -29.68
N ASN C 147 -1.63 -2.99 -30.97
CA ASN C 147 -2.16 -3.84 -32.06
C ASN C 147 -1.10 -4.54 -32.87
N GLU C 148 -1.29 -5.83 -33.10
CA GLU C 148 -0.26 -6.66 -33.69
C GLU C 148 -0.90 -7.65 -34.69
N HIS C 149 -0.24 -7.86 -35.83
CA HIS C 149 -0.59 -8.95 -36.74
C HIS C 149 -0.05 -10.27 -36.20
N VAL C 150 -0.96 -11.21 -35.96
CA VAL C 150 -0.58 -12.59 -35.62
C VAL C 150 -1.30 -13.63 -36.49
N VAL C 151 -0.72 -14.81 -36.62
CA VAL C 151 -1.38 -15.93 -37.30
C VAL C 151 -1.45 -17.07 -36.30
N ILE C 152 -2.67 -17.59 -36.17
CA ILE C 152 -3.00 -18.64 -35.23
C ILE C 152 -3.71 -19.74 -36.00
N ASN C 153 -3.12 -20.93 -36.01
CA ASN C 153 -3.68 -22.07 -36.74
C ASN C 153 -4.18 -21.69 -38.15
N GLY C 154 -3.33 -20.99 -38.91
CA GLY C 154 -3.64 -20.61 -40.27
C GLY C 154 -4.57 -19.43 -40.48
N GLN C 155 -5.05 -18.82 -39.42
CA GLN C 155 -5.97 -17.71 -39.59
C GLN C 155 -5.22 -16.42 -39.21
N ASN C 156 -5.26 -15.41 -40.08
CA ASN C 156 -4.70 -14.10 -39.72
C ASN C 156 -5.59 -13.35 -38.78
N PHE C 157 -5.00 -12.73 -37.77
CA PHE C 157 -5.74 -11.89 -36.85
C PHE C 157 -5.06 -10.53 -36.65
N LEU C 158 -5.87 -9.53 -36.35
CA LEU C 158 -5.45 -8.34 -35.67
C LEU C 158 -5.69 -8.55 -34.15
N MET C 159 -4.60 -8.48 -33.40
CA MET C 159 -4.62 -8.68 -31.96
C MET C 159 -4.55 -7.36 -31.31
N GLU C 160 -5.50 -7.08 -30.46
CA GLU C 160 -5.37 -5.96 -29.57
C GLU C 160 -5.25 -6.45 -28.13
N ILE C 161 -4.10 -6.19 -27.53
CA ILE C 161 -3.79 -6.42 -26.10
C ILE C 161 -3.84 -5.09 -25.28
N THR C 162 -4.59 -5.09 -24.18
CA THR C 162 -4.81 -3.89 -23.39
C THR C 162 -4.58 -4.15 -21.92
N PRO C 163 -3.82 -3.26 -21.24
CA PRO C 163 -3.47 -3.44 -19.82
C PRO C 163 -4.69 -3.33 -18.92
N VAL C 164 -4.79 -4.21 -17.92
CA VAL C 164 -5.94 -4.19 -16.98
C VAL C 164 -5.58 -3.70 -15.59
N TYR C 165 -6.25 -2.61 -15.19
CA TYR C 165 -6.35 -2.10 -13.80
C TYR C 165 -5.07 -1.47 -13.24
N LEU C 166 -4.18 -1.06 -14.15
CA LEU C 166 -2.80 -0.68 -13.80
C LEU C 166 -2.00 -1.89 -13.31
N GLN C 167 -1.60 -2.72 -14.29
CA GLN C 167 -0.60 -3.79 -14.11
C GLN C 167 -1.06 -5.05 -13.31
N ASP C 168 -2.35 -5.37 -13.36
CA ASP C 168 -2.81 -6.69 -12.91
C ASP C 168 -2.83 -7.71 -14.07
N GLU C 169 -2.67 -7.24 -15.30
CA GLU C 169 -2.76 -8.13 -16.45
C GLU C 169 -2.89 -7.39 -17.79
N ASN C 170 -3.69 -7.97 -18.67
CA ASN C 170 -3.99 -7.46 -20.02
C ASN C 170 -5.13 -8.28 -20.58
N ASP C 171 -6.06 -7.65 -21.30
CA ASP C 171 -7.05 -8.43 -22.01
C ASP C 171 -6.69 -8.50 -23.46
N GLN C 172 -6.86 -9.69 -24.03
CA GLN C 172 -6.55 -9.85 -25.44
C GLN C 172 -7.78 -10.10 -26.28
N HIS C 173 -7.91 -9.27 -27.31
CA HIS C 173 -8.99 -9.31 -28.32
C HIS C 173 -8.37 -9.69 -29.69
N VAL C 174 -8.85 -10.75 -30.31
CA VAL C 174 -8.36 -11.09 -31.66
C VAL C 174 -9.48 -10.92 -32.73
N LEU C 175 -9.16 -10.20 -33.81
CA LEU C 175 -10.12 -9.93 -34.92
C LEU C 175 -9.62 -10.59 -36.22
N THR C 176 -10.38 -11.54 -36.75
CA THR C 176 -10.03 -12.15 -38.02
C THR C 176 -10.09 -11.15 -39.16
N ALA C 178 -8.92 -10.90 -39.77
CA ALA C 178 -8.56 -10.20 -41.04
C ALA C 178 -9.69 -10.47 -42.02
N VAL C 179 -9.98 -11.76 -42.21
CA VAL C 179 -10.97 -12.22 -43.21
C VAL C 179 -12.40 -11.74 -42.86
N VAL C 180 -12.85 -11.90 -41.59
CA VAL C 180 -14.15 -11.37 -41.12
C VAL C 180 -14.26 -9.85 -41.25
N MET C 181 -13.24 -9.14 -40.79
CA MET C 181 -13.24 -7.70 -40.90
C MET C 181 -13.57 -7.27 -42.33
N LEU C 182 -12.87 -7.82 -43.32
CA LEU C 182 -13.08 -7.37 -44.71
C LEU C 182 -14.46 -7.77 -45.24
N ARG C 183 -14.92 -8.92 -44.81
CA ARG C 183 -16.24 -9.43 -45.15
C ARG C 183 -17.34 -8.53 -44.56
N SER C 184 -17.15 -8.12 -43.29
CA SER C 184 -18.19 -7.36 -42.59
C SER C 184 -18.11 -5.87 -42.92
N THR C 185 -16.90 -5.34 -43.16
CA THR C 185 -16.81 -3.99 -43.79
C THR C 185 -17.44 -3.93 -45.22
N ILE C 186 -17.24 -4.95 -46.03
CA ILE C 186 -17.89 -5.04 -47.36
C ILE C 186 -19.37 -4.76 -47.27
N ARG C 187 -20.08 -5.44 -46.35
CA ARG C 187 -21.51 -5.19 -46.07
C ARG C 187 -21.98 -3.72 -46.21
N MET C 188 -21.11 -2.78 -45.85
CA MET C 188 -21.28 -1.37 -46.17
C MET C 188 -21.20 -1.16 -47.67
N MET D 1 -13.03 -10.82 7.41
CA MET D 1 -11.69 -11.44 7.29
C MET D 1 -11.82 -12.70 6.45
N ARG D 2 -10.78 -13.01 5.69
CA ARG D 2 -10.79 -14.21 4.88
C ARG D 2 -9.50 -14.96 5.03
N LEU D 3 -9.63 -16.26 5.26
CA LEU D 3 -8.48 -17.12 5.35
C LEU D 3 -8.41 -18.11 4.21
N GLU D 4 -7.19 -18.37 3.78
CA GLU D 4 -6.93 -19.45 2.87
C GLU D 4 -6.17 -20.56 3.61
N VAL D 5 -6.77 -21.76 3.68
CA VAL D 5 -6.17 -22.93 4.35
C VAL D 5 -5.64 -23.96 3.31
N PHE D 6 -4.39 -24.42 3.50
CA PHE D 6 -3.76 -25.39 2.61
C PHE D 6 -3.76 -26.81 3.22
N CYS D 7 -4.28 -27.77 2.44
CA CYS D 7 -4.71 -29.04 2.98
C CYS D 7 -4.81 -30.11 1.89
N GLU D 8 -4.42 -31.35 2.18
CA GLU D 8 -4.77 -32.45 1.29
C GLU D 8 -6.29 -32.59 1.43
N ASP D 9 -7.00 -32.62 0.30
CA ASP D 9 -8.46 -32.65 0.30
C ASP D 9 -9.02 -33.85 1.08
N ARG D 10 -10.04 -33.59 1.89
CA ARG D 10 -10.87 -34.65 2.41
C ARG D 10 -12.19 -33.99 2.80
N LEU D 11 -13.27 -34.77 2.78
CA LEU D 11 -14.60 -34.15 2.95
C LEU D 11 -14.82 -33.50 4.32
N GLY D 12 -14.20 -34.02 5.38
CA GLY D 12 -14.47 -33.54 6.75
C GLY D 12 -13.87 -32.22 7.11
N LEU D 13 -12.87 -31.79 6.33
CA LEU D 13 -12.11 -30.59 6.64
C LEU D 13 -13.00 -29.36 6.78
N THR D 14 -14.03 -29.28 5.96
CA THR D 14 -14.93 -28.12 5.95
C THR D 14 -15.70 -27.98 7.30
N ARG D 15 -16.18 -29.08 7.87
CA ARG D 15 -16.86 -28.97 9.17
C ARG D 15 -15.87 -28.66 10.33
N GLU D 16 -14.67 -29.24 10.23
CA GLU D 16 -13.64 -29.14 11.23
C GLU D 16 -13.15 -27.71 11.38
N LEU D 17 -13.10 -26.98 10.28
CA LEU D 17 -12.74 -25.57 10.28
C LEU D 17 -13.87 -24.71 10.81
N LEU D 18 -15.12 -25.04 10.41
CA LEU D 18 -16.31 -24.38 10.95
C LEU D 18 -16.45 -24.55 12.48
N ASP D 19 -16.21 -25.76 12.98
CA ASP D 19 -16.12 -25.99 14.45
C ASP D 19 -15.24 -24.97 15.11
N LEU D 20 -14.08 -24.73 14.53
CA LEU D 20 -13.12 -23.78 15.10
C LEU D 20 -13.65 -22.36 15.13
N LEU D 21 -14.51 -22.01 14.20
CA LEU D 21 -15.10 -20.69 14.15
C LEU D 21 -16.18 -20.58 15.18
N VAL D 22 -17.10 -21.55 15.20
CA VAL D 22 -18.24 -21.57 16.13
C VAL D 22 -17.81 -21.55 17.58
N LEU D 23 -16.73 -22.27 17.90
CA LEU D 23 -16.19 -22.39 19.27
C LEU D 23 -15.56 -21.08 19.77
N ARG D 24 -15.45 -20.10 18.87
CA ARG D 24 -15.01 -18.78 19.31
C ARG D 24 -16.11 -17.78 19.07
N GLY D 25 -17.32 -18.27 18.76
CA GLY D 25 -18.47 -17.39 18.54
C GLY D 25 -18.40 -16.56 17.25
N ILE D 26 -17.59 -17.02 16.29
CA ILE D 26 -17.35 -16.36 15.00
C ILE D 26 -18.44 -16.75 13.98
N ASP D 27 -19.11 -15.75 13.38
CA ASP D 27 -20.08 -16.03 12.34
C ASP D 27 -19.48 -16.20 10.95
N LEU D 28 -19.59 -17.43 10.46
CA LEU D 28 -19.34 -17.79 9.05
C LEU D 28 -20.16 -16.98 8.07
N ARG D 29 -19.53 -16.45 7.02
CA ARG D 29 -20.34 -15.93 5.91
C ARG D 29 -20.30 -16.90 4.76
N GLY D 30 -19.12 -17.43 4.46
CA GLY D 30 -19.02 -18.46 3.43
C GLY D 30 -17.74 -19.19 3.46
N ILE D 31 -17.76 -20.40 2.94
CA ILE D 31 -16.53 -21.06 2.57
C ILE D 31 -16.54 -21.55 1.09
N GLU D 32 -15.36 -21.53 0.44
CA GLU D 32 -15.17 -22.08 -0.91
C GLU D 32 -14.04 -23.13 -0.86
N ILE D 33 -14.34 -24.35 -1.36
CA ILE D 33 -13.40 -25.52 -1.31
C ILE D 33 -12.81 -25.86 -2.67
N ASP D 34 -11.47 -25.95 -2.69
CA ASP D 34 -10.71 -26.29 -3.90
C ASP D 34 -10.13 -27.70 -3.69
N PRO D 35 -10.57 -28.68 -4.53
CA PRO D 35 -10.17 -30.07 -4.43
C PRO D 35 -8.66 -30.27 -4.46
N ILE D 36 -7.93 -29.28 -4.97
CA ILE D 36 -6.49 -29.36 -5.10
C ILE D 36 -5.82 -29.04 -3.76
N GLY D 37 -6.61 -28.53 -2.83
CA GLY D 37 -6.15 -28.42 -1.47
C GLY D 37 -6.21 -27.04 -0.86
N ARG D 38 -7.15 -26.22 -1.32
CA ARG D 38 -7.34 -24.90 -0.75
C ARG D 38 -8.77 -24.76 -0.25
N ILE D 39 -8.91 -24.40 1.04
CA ILE D 39 -10.20 -24.05 1.61
C ILE D 39 -10.15 -22.54 2.01
N TYR D 40 -11.14 -21.78 1.55
CA TYR D 40 -11.24 -20.37 1.82
C TYR D 40 -12.40 -20.12 2.77
N LEU D 41 -12.14 -19.37 3.85
CA LEU D 41 -13.12 -19.11 4.89
C LEU D 41 -13.37 -17.65 4.85
N ASN D 42 -14.65 -17.29 4.80
CA ASN D 42 -15.02 -15.90 4.93
C ASN D 42 -15.85 -15.73 6.22
N PHE D 43 -15.40 -14.86 7.11
CA PHE D 43 -16.13 -14.64 8.36
C PHE D 43 -15.93 -13.23 8.84
N ALA D 44 -16.81 -12.81 9.73
CA ALA D 44 -16.92 -11.42 10.20
C ALA D 44 -15.91 -10.99 11.27
N GLU D 45 -15.64 -9.69 11.30
CA GLU D 45 -14.95 -8.97 12.41
C GLU D 45 -14.75 -9.75 13.73
N LEU D 46 -13.49 -9.80 14.18
CA LEU D 46 -13.06 -10.79 15.18
C LEU D 46 -12.35 -10.21 16.45
N GLU D 47 -12.54 -10.88 17.59
CA GLU D 47 -11.79 -10.54 18.79
C GLU D 47 -10.38 -10.08 18.43
N PHE D 48 -9.83 -9.18 19.24
CA PHE D 48 -8.50 -8.65 18.99
C PHE D 48 -7.53 -9.75 18.58
N GLU D 49 -7.97 -11.00 18.73
CA GLU D 49 -7.06 -12.13 18.83
C GLU D 49 -7.81 -13.41 19.17
N SER D 50 -8.98 -13.59 18.56
CA SER D 50 -9.39 -14.90 18.07
C SER D 50 -8.13 -15.34 17.32
N PHE D 51 -7.60 -14.40 16.51
CA PHE D 51 -6.82 -14.66 15.29
C PHE D 51 -5.69 -15.68 15.46
N SER D 52 -4.86 -15.44 16.47
CA SER D 52 -3.66 -16.24 16.68
C SER D 52 -3.90 -17.68 17.15
N SER D 53 -4.69 -17.82 18.22
CA SER D 53 -5.06 -19.13 18.71
C SER D 53 -5.83 -19.81 17.57
N LEU D 54 -6.71 -19.06 16.93
CA LEU D 54 -7.38 -19.56 15.73
C LEU D 54 -6.42 -20.10 14.66
N MET D 55 -5.38 -19.34 14.33
CA MET D 55 -4.36 -19.74 13.36
C MET D 55 -3.61 -21.04 13.73
N ALA D 56 -3.05 -21.08 14.96
CA ALA D 56 -2.45 -22.26 15.58
C ALA D 56 -3.40 -23.47 15.69
N GLU D 57 -4.66 -23.24 16.03
CA GLU D 57 -5.60 -24.35 16.07
C GLU D 57 -5.87 -24.94 14.68
N ILE D 58 -6.14 -24.10 13.69
CA ILE D 58 -6.24 -24.54 12.27
C ILE D 58 -5.01 -25.38 11.82
N ARG D 59 -3.79 -24.88 12.01
CA ARG D 59 -2.53 -25.59 11.69
C ARG D 59 -2.33 -26.95 12.41
N ARG D 60 -2.89 -27.05 13.62
CA ARG D 60 -2.89 -28.33 14.34
C ARG D 60 -3.80 -29.39 13.70
N ILE D 61 -4.66 -29.01 12.74
CA ILE D 61 -5.57 -29.99 12.10
C ILE D 61 -4.82 -30.94 11.15
N ALA D 62 -5.21 -32.22 11.17
CA ALA D 62 -4.53 -33.26 10.39
C ALA D 62 -4.73 -33.06 8.88
N GLY D 63 -3.62 -33.07 8.13
CA GLY D 63 -3.62 -32.79 6.69
C GLY D 63 -3.91 -31.33 6.43
N VAL D 64 -3.08 -30.49 7.08
CA VAL D 64 -3.06 -29.01 6.97
C VAL D 64 -1.62 -28.58 7.15
N THR D 65 -1.09 -27.89 6.15
CA THR D 65 0.30 -27.51 6.13
C THR D 65 0.49 -26.00 6.23
N ASP D 66 -0.52 -25.21 5.86
CA ASP D 66 -0.43 -23.74 5.99
C ASP D 66 -1.78 -23.09 5.98
N VAL D 67 -1.79 -21.83 6.42
CA VAL D 67 -2.98 -20.97 6.54
C VAL D 67 -2.44 -19.54 6.49
N ARG D 68 -3.10 -18.67 5.71
CA ARG D 68 -2.70 -17.26 5.61
C ARG D 68 -3.96 -16.45 5.33
N THR D 69 -3.93 -15.16 5.63
CA THR D 69 -5.04 -14.28 5.35
C THR D 69 -5.00 -13.85 3.88
N VAL D 70 -6.17 -13.68 3.29
CA VAL D 70 -6.21 -13.47 1.87
C VAL D 70 -7.12 -12.24 1.58
N PRO D 71 -6.85 -11.49 0.48
CA PRO D 71 -7.75 -10.34 0.29
C PRO D 71 -9.17 -10.77 -0.14
N TRP D 72 -9.26 -11.93 -0.80
CA TRP D 72 -10.44 -12.24 -1.59
C TRP D 72 -10.74 -13.71 -1.61
N MET D 73 -12.04 -14.01 -1.50
CA MET D 73 -12.53 -15.31 -1.90
C MET D 73 -12.32 -15.39 -3.42
N PRO D 74 -11.95 -16.58 -3.94
CA PRO D 74 -11.71 -16.84 -5.37
C PRO D 74 -12.86 -16.35 -6.25
N SER D 75 -14.08 -16.43 -5.73
CA SER D 75 -15.30 -15.95 -6.38
C SER D 75 -15.39 -14.42 -6.43
N GLU D 76 -14.83 -13.76 -5.43
CA GLU D 76 -14.72 -12.30 -5.39
C GLU D 76 -13.60 -11.81 -6.34
N ARG D 77 -12.49 -12.55 -6.37
CA ARG D 77 -11.38 -12.34 -7.29
C ARG D 77 -11.93 -12.44 -8.73
N GLU D 78 -12.58 -13.57 -9.08
CA GLU D 78 -13.15 -13.76 -10.43
C GLU D 78 -14.05 -12.60 -10.82
N HIS D 79 -14.90 -12.17 -9.89
CA HIS D 79 -15.75 -11.00 -10.05
C HIS D 79 -15.03 -9.73 -10.48
N LEU D 80 -14.01 -9.42 -9.73
CA LEU D 80 -13.20 -8.24 -9.95
C LEU D 80 -12.36 -8.33 -11.28
N ALA D 81 -11.81 -9.50 -11.60
CA ALA D 81 -11.05 -9.75 -12.84
C ALA D 81 -11.89 -9.46 -14.10
N LEU D 82 -13.02 -10.14 -14.19
CA LEU D 82 -14.04 -9.98 -15.20
C LEU D 82 -14.45 -8.55 -15.56
N SER D 83 -15.10 -7.87 -14.63
CA SER D 83 -15.47 -6.47 -14.76
C SER D 83 -14.26 -5.58 -15.08
N ALA D 84 -13.08 -5.91 -14.55
CA ALA D 84 -11.90 -5.13 -14.86
C ALA D 84 -11.55 -5.28 -16.36
N LEU D 85 -11.58 -6.52 -16.82
CA LEU D 85 -11.26 -6.87 -18.19
C LEU D 85 -12.20 -6.20 -19.16
N LEU D 86 -13.50 -6.30 -18.87
CA LEU D 86 -14.53 -5.71 -19.72
C LEU D 86 -14.46 -4.19 -19.75
N GLU D 87 -14.22 -3.57 -18.59
CA GLU D 87 -14.07 -2.14 -18.51
C GLU D 87 -12.74 -1.62 -19.08
N ALA D 88 -11.85 -2.54 -19.48
CA ALA D 88 -10.53 -2.16 -20.01
C ALA D 88 -10.57 -2.15 -21.56
N LEU D 89 -11.44 -2.95 -22.15
CA LEU D 89 -11.62 -3.07 -23.59
C LEU D 89 -11.67 -1.66 -24.20
N PRO D 90 -10.68 -1.32 -25.06
CA PRO D 90 -10.45 0.08 -25.46
C PRO D 90 -11.57 0.75 -26.26
N GLU D 91 -12.50 -0.03 -26.79
CA GLU D 91 -13.61 0.49 -27.58
C GLU D 91 -14.96 0.12 -26.99
N PRO D 92 -16.03 0.87 -27.37
CA PRO D 92 -17.30 0.75 -26.68
C PRO D 92 -17.86 -0.64 -26.69
N VAL D 93 -18.17 -1.14 -25.50
CA VAL D 93 -18.73 -2.49 -25.30
C VAL D 93 -19.88 -2.24 -24.33
N LEU D 94 -21.11 -2.37 -24.81
CA LEU D 94 -22.22 -2.36 -23.86
C LEU D 94 -23.10 -3.61 -23.92
N SER D 95 -23.97 -3.75 -22.94
CA SER D 95 -24.99 -4.79 -22.99
C SER D 95 -26.35 -4.15 -22.85
N VAL D 96 -27.37 -4.86 -23.34
CA VAL D 96 -28.74 -4.37 -23.32
C VAL D 96 -29.58 -5.56 -22.99
N ASP D 97 -30.67 -5.31 -22.26
CA ASP D 97 -31.59 -6.37 -21.91
C ASP D 97 -32.62 -6.60 -23.02
N MET D 98 -33.72 -7.29 -22.72
CA MET D 98 -34.64 -7.72 -23.78
C MET D 98 -35.69 -6.70 -24.23
N LYS D 99 -35.79 -5.58 -23.50
CA LYS D 99 -36.42 -4.39 -24.06
C LYS D 99 -35.36 -3.37 -24.51
N SER D 100 -34.15 -3.85 -24.84
CA SER D 100 -33.05 -3.04 -25.44
C SER D 100 -32.46 -2.00 -24.50
N LYS D 101 -32.90 -1.98 -23.24
CA LYS D 101 -32.41 -1.00 -22.27
C LYS D 101 -30.96 -1.32 -21.89
N VAL D 102 -30.09 -0.30 -21.92
CA VAL D 102 -28.66 -0.48 -21.60
C VAL D 102 -28.55 -1.06 -20.21
N ASP D 103 -27.79 -2.16 -20.06
CA ASP D 103 -27.47 -2.71 -18.74
C ASP D 103 -26.00 -2.54 -18.32
N MET D 104 -25.06 -3.08 -19.08
CA MET D 104 -23.66 -2.73 -18.83
C MET D 104 -23.06 -1.91 -19.96
N ALA D 105 -22.12 -1.03 -19.61
CA ALA D 105 -21.50 -0.13 -20.60
C ALA D 105 -20.13 0.15 -20.07
N ASN D 106 -19.10 -0.14 -20.89
CA ASN D 106 -17.74 0.08 -20.45
C ASN D 106 -17.39 1.59 -20.46
N PRO D 107 -16.22 1.98 -19.88
CA PRO D 107 -15.84 3.41 -19.91
C PRO D 107 -15.75 4.05 -21.31
N ALA D 108 -15.49 3.26 -22.35
CA ALA D 108 -15.46 3.75 -23.72
C ALA D 108 -16.89 4.05 -24.25
N SER D 109 -17.85 3.20 -23.89
CA SER D 109 -19.25 3.54 -24.17
C SER D 109 -19.56 4.91 -23.62
N CYS D 110 -19.14 5.17 -22.38
CA CYS D 110 -19.46 6.45 -21.69
C CYS D 110 -18.74 7.66 -22.29
N GLN D 111 -17.48 7.46 -22.67
CA GLN D 111 -16.71 8.45 -23.40
C GLN D 111 -17.43 8.87 -24.71
N LEU D 112 -17.86 7.88 -25.49
CA LEU D 112 -18.48 8.06 -26.81
C LEU D 112 -19.80 8.75 -26.73
N PHE D 113 -20.57 8.41 -25.71
CA PHE D 113 -21.91 8.93 -25.62
C PHE D 113 -21.96 10.20 -24.77
N GLY D 114 -20.91 10.41 -23.97
CA GLY D 114 -20.78 11.60 -23.10
C GLY D 114 -21.73 11.60 -21.91
N GLN D 115 -21.72 10.51 -21.16
CA GLN D 115 -22.56 10.35 -19.97
C GLN D 115 -21.96 9.26 -19.09
N LYS D 116 -22.25 9.28 -17.80
CA LYS D 116 -21.81 8.22 -16.89
C LYS D 116 -22.83 7.07 -16.94
N LEU D 117 -22.51 5.94 -16.29
CA LEU D 117 -23.30 4.71 -16.42
C LEU D 117 -24.76 4.76 -15.93
N ASP D 118 -25.00 5.62 -14.93
CA ASP D 118 -26.34 5.87 -14.37
C ASP D 118 -27.30 6.54 -15.36
N ARG D 119 -26.82 7.60 -16.02
CA ARG D 119 -27.55 8.27 -17.10
C ARG D 119 -27.72 7.36 -18.34
N LEU D 120 -26.69 6.57 -18.63
CA LEU D 120 -26.70 5.65 -19.76
C LEU D 120 -27.70 4.48 -19.67
N ARG D 121 -27.86 3.93 -18.47
CA ARG D 121 -28.67 2.73 -18.29
C ARG D 121 -30.20 2.93 -18.33
N ASN D 122 -30.64 4.20 -18.37
CA ASN D 122 -32.05 4.57 -18.53
C ASN D 122 -32.54 4.39 -19.96
N HIS D 123 -31.57 4.41 -20.89
CA HIS D 123 -31.80 4.57 -22.33
C HIS D 123 -32.00 3.24 -23.03
N THR D 124 -32.87 3.25 -24.03
CA THR D 124 -32.95 2.16 -24.99
C THR D 124 -31.81 2.37 -26.00
N ALA D 125 -31.50 1.33 -26.77
CA ALA D 125 -30.34 1.36 -27.64
C ALA D 125 -30.58 2.23 -28.89
N ALA D 126 -31.85 2.34 -29.31
CA ALA D 126 -32.29 3.15 -30.45
C ALA D 126 -32.21 4.64 -30.16
N GLN D 127 -32.26 4.99 -28.89
CA GLN D 127 -32.16 6.36 -28.47
C GLN D 127 -30.70 6.77 -28.44
N LEU D 128 -29.81 5.78 -28.42
CA LEU D 128 -28.35 6.00 -28.45
C LEU D 128 -27.69 5.74 -29.78
N ILE D 129 -28.16 4.75 -30.52
CA ILE D 129 -27.48 4.36 -31.77
C ILE D 129 -28.53 4.35 -32.86
N ASN D 130 -28.41 5.29 -33.78
CA ASN D 130 -29.36 5.42 -34.89
C ASN D 130 -29.04 4.38 -35.95
N GLY D 131 -30.04 4.03 -36.76
CA GLY D 131 -29.83 3.23 -37.95
C GLY D 131 -29.83 1.74 -37.75
N PHE D 132 -30.51 1.29 -36.69
CA PHE D 132 -30.73 -0.14 -36.43
C PHE D 132 -31.99 -0.44 -35.56
N ASN D 133 -32.84 -1.34 -36.03
CA ASN D 133 -34.00 -1.73 -35.22
C ASN D 133 -33.59 -2.81 -34.22
N PHE D 134 -33.15 -2.38 -33.06
CA PHE D 134 -32.70 -3.24 -31.99
C PHE D 134 -33.79 -4.19 -31.52
N LEU D 135 -35.00 -3.63 -31.31
CA LEU D 135 -36.15 -4.34 -30.77
C LEU D 135 -36.71 -5.38 -31.74
N ARG D 136 -36.69 -5.09 -33.03
CA ARG D 136 -37.07 -6.09 -34.02
C ARG D 136 -36.08 -7.24 -33.99
N TRP D 137 -34.80 -6.91 -33.95
CA TRP D 137 -33.75 -7.96 -33.94
C TRP D 137 -33.88 -8.87 -32.73
N LEU D 138 -34.05 -8.24 -31.58
CA LEU D 138 -34.20 -8.87 -30.27
C LEU D 138 -35.34 -9.89 -30.21
N GLU D 139 -36.43 -9.62 -30.93
CA GLU D 139 -37.50 -10.59 -31.01
C GLU D 139 -37.59 -11.19 -32.41
N SER D 140 -36.42 -11.37 -33.00
CA SER D 140 -36.25 -12.23 -34.15
C SER D 140 -35.94 -13.62 -33.60
N GLU D 141 -35.76 -13.69 -32.27
CA GLU D 141 -35.07 -14.77 -31.58
C GLU D 141 -33.74 -15.08 -32.29
N PRO D 142 -32.78 -14.13 -32.23
CA PRO D 142 -31.58 -14.27 -33.03
C PRO D 142 -30.63 -15.34 -32.50
N GLN D 143 -30.14 -16.20 -33.39
CA GLN D 143 -29.14 -17.21 -33.06
C GLN D 143 -27.70 -16.66 -33.22
N ASP D 144 -27.49 -15.81 -34.23
CA ASP D 144 -26.15 -15.39 -34.61
C ASP D 144 -25.91 -13.88 -34.49
N SER D 145 -24.64 -13.51 -34.51
CA SER D 145 -24.21 -12.11 -34.48
C SER D 145 -24.67 -11.33 -35.70
N HIS D 146 -24.84 -10.04 -35.50
CA HIS D 146 -25.26 -9.19 -36.59
C HIS D 146 -24.33 -8.00 -36.65
N ASN D 147 -23.89 -7.70 -37.87
CA ASN D 147 -23.04 -6.57 -38.19
C ASN D 147 -23.75 -5.51 -39.01
N GLU D 148 -23.68 -4.28 -38.53
CA GLU D 148 -24.37 -3.17 -39.15
C GLU D 148 -23.46 -1.97 -39.00
N HIS D 149 -23.38 -1.15 -40.04
CA HIS D 149 -22.65 0.13 -39.98
C HIS D 149 -23.55 1.23 -39.46
N VAL D 150 -23.03 1.97 -38.49
CA VAL D 150 -23.86 2.94 -37.81
C VAL D 150 -23.08 4.20 -37.66
N VAL D 151 -23.82 5.30 -37.59
CA VAL D 151 -23.23 6.60 -37.46
C VAL D 151 -23.65 7.05 -36.07
N ILE D 152 -22.66 7.32 -35.23
CA ILE D 152 -22.88 7.75 -33.87
C ILE D 152 -22.26 9.14 -33.75
N ASN D 153 -23.10 10.16 -33.94
CA ASN D 153 -22.73 11.57 -34.15
C ASN D 153 -21.38 11.84 -34.84
N GLY D 154 -21.44 11.81 -36.18
CA GLY D 154 -20.30 12.16 -37.06
C GLY D 154 -19.18 11.15 -37.17
N GLN D 155 -19.30 10.02 -36.45
CA GLN D 155 -18.29 8.98 -36.48
C GLN D 155 -18.88 7.62 -36.89
N ASN D 156 -18.15 6.91 -37.71
CA ASN D 156 -18.63 5.68 -38.28
C ASN D 156 -18.11 4.45 -37.57
N PHE D 157 -19.06 3.56 -37.31
CA PHE D 157 -18.82 2.42 -36.48
C PHE D 157 -19.36 1.18 -37.18
N LEU D 158 -18.56 0.12 -37.14
CA LEU D 158 -19.06 -1.21 -37.30
C LEU D 158 -19.66 -1.65 -35.95
N MET D 159 -20.95 -1.87 -35.93
CA MET D 159 -21.55 -2.50 -34.77
C MET D 159 -21.72 -3.99 -34.99
N GLU D 160 -21.37 -4.74 -33.95
CA GLU D 160 -21.62 -6.17 -33.92
C GLU D 160 -22.43 -6.39 -32.69
N ILE D 161 -23.57 -7.02 -32.87
CA ILE D 161 -24.46 -7.25 -31.75
C ILE D 161 -24.72 -8.72 -31.70
N THR D 162 -24.52 -9.31 -30.52
CA THR D 162 -24.66 -10.75 -30.44
C THR D 162 -25.53 -11.22 -29.27
N PRO D 163 -26.34 -12.28 -29.49
CA PRO D 163 -27.29 -12.88 -28.54
C PRO D 163 -26.61 -13.40 -27.27
N VAL D 164 -27.17 -13.00 -26.13
CA VAL D 164 -26.75 -13.47 -24.80
C VAL D 164 -27.80 -14.42 -24.23
N TYR D 165 -27.38 -15.68 -24.09
CA TYR D 165 -28.28 -16.83 -24.08
C TYR D 165 -28.59 -17.50 -22.77
N LEU D 166 -29.50 -18.47 -22.89
CA LEU D 166 -30.73 -18.53 -22.10
C LEU D 166 -31.34 -17.13 -22.37
N GLN D 167 -31.88 -16.94 -23.58
CA GLN D 167 -32.03 -15.59 -24.21
C GLN D 167 -32.46 -14.46 -23.27
N ASP D 168 -31.48 -13.65 -22.90
CA ASP D 168 -31.65 -12.70 -21.83
C ASP D 168 -31.16 -11.27 -22.17
N GLU D 169 -30.66 -11.10 -23.40
CA GLU D 169 -30.15 -9.80 -23.86
C GLU D 169 -29.15 -9.85 -25.04
N ASN D 170 -28.23 -8.90 -25.09
CA ASN D 170 -27.22 -8.85 -26.15
C ASN D 170 -26.03 -8.07 -25.69
N ASP D 171 -24.88 -8.42 -26.26
CA ASP D 171 -23.71 -7.61 -26.09
C ASP D 171 -23.47 -6.91 -27.42
N GLN D 172 -23.19 -5.62 -27.33
CA GLN D 172 -23.00 -4.78 -28.48
C GLN D 172 -21.53 -4.35 -28.41
N HIS D 173 -20.80 -4.53 -29.52
CA HIS D 173 -19.46 -3.95 -29.64
C HIS D 173 -19.45 -3.01 -30.83
N VAL D 174 -18.90 -1.81 -30.64
CA VAL D 174 -18.73 -0.87 -31.74
C VAL D 174 -17.22 -0.62 -32.04
N LEU D 175 -16.88 -0.63 -33.31
CA LEU D 175 -15.47 -0.42 -33.73
C LEU D 175 -15.36 0.74 -34.70
N THR D 176 -14.56 1.76 -34.38
CA THR D 176 -14.32 2.82 -35.36
C THR D 176 -13.62 2.29 -36.61
N ALA D 178 -14.30 2.43 -37.58
CA ALA D 178 -13.97 2.04 -38.94
C ALA D 178 -12.75 2.80 -39.45
N VAL D 179 -12.64 4.08 -39.10
CA VAL D 179 -11.37 4.82 -39.28
C VAL D 179 -10.19 4.22 -38.46
N VAL D 180 -10.46 3.96 -37.17
CA VAL D 180 -9.49 3.37 -36.20
C VAL D 180 -9.01 1.99 -36.65
N MET D 181 -9.94 1.18 -37.11
CA MET D 181 -9.63 -0.13 -37.63
C MET D 181 -8.67 -0.07 -38.84
N LEU D 182 -8.85 0.90 -39.72
CA LEU D 182 -7.87 1.00 -40.84
C LEU D 182 -6.53 1.60 -40.40
N ARG D 183 -6.56 2.50 -39.41
CA ARG D 183 -5.35 3.00 -38.75
C ARG D 183 -4.58 1.86 -38.06
N SER D 184 -5.35 0.91 -37.53
CA SER D 184 -4.78 -0.25 -36.86
C SER D 184 -4.30 -1.32 -37.82
N THR D 185 -5.06 -1.62 -38.88
CA THR D 185 -4.58 -2.62 -39.85
C THR D 185 -3.29 -2.09 -40.56
N ILE D 186 -3.27 -0.81 -40.92
CA ILE D 186 -2.05 -0.18 -41.47
C ILE D 186 -0.89 -0.19 -40.49
N ARG D 187 -1.12 0.20 -39.25
CA ARG D 187 -0.05 0.12 -38.22
C ARG D 187 0.45 -1.30 -38.00
N MET D 188 -0.44 -2.30 -38.18
CA MET D 188 -0.08 -3.72 -38.08
C MET D 188 0.88 -4.22 -39.14
N GLY D 189 0.91 -3.54 -40.29
CA GLY D 189 1.74 -3.92 -41.43
C GLY D 189 3.20 -3.56 -41.27
N ARG D 190 3.49 -2.69 -40.31
CA ARG D 190 4.88 -2.23 -40.15
C ARG D 190 5.70 -3.12 -39.18
#